data_6LPN
#
_entry.id   6LPN
#
_cell.length_a   72.258
_cell.length_b   94.859
_cell.length_c   72.740
_cell.angle_alpha   90.000
_cell.angle_beta   113.340
_cell.angle_gamma   90.000
#
_symmetry.space_group_name_H-M   'P 1 21 1'
#
loop_
_entity.id
_entity.type
_entity.pdbx_description
1 polymer 'D-2-hydroxyglutarate dehydrogenase, mitochondrial'
2 non-polymer 'FLAVIN-ADENINE DINUCLEOTIDE'
3 water water
#
_entity_poly.entity_id   1
_entity_poly.type   'polypeptide(L)'
_entity_poly.pdbx_seq_one_letter_code
;GPGSRYPVRRLPFSTVSKQDLAAFERIVPGGVVTDPEALQAPNVDWLRTLRGCSKVLLRPRTSEEVSHILRHCHERNLAV
NPQGGNTGMVGGSVPVFDEIILSTARMNRVLSFHSVSGILVCQAGCVLEELSRYVEERDFIMPLDLGAKGSCHIGGNVAT
NAGGLRFLRYGSLHGTVLGLEVVLADGTVLDCLTSLRKDNTGYDLKQLFIGSEGTLGIITTVSILCPPKPRAVNVAFLGC
PGFAEVLQTFSTCKGMLGEILSAFEFMDAVCMQLVGRHLHLASPVQESPFYVLIETSGSNAGHDAEKLGHFLEHALGSGL
VTDGTMATDQRKVKMLWALRERITEALSRDGYVYKYDLSLPVERLYDIVTDLRARLGPHAKHVVGYGHLGDGNLHLNVTA
EAFSPSLLAALEPHVYEWTAGQQGSVSAEHGVGFRKRDVLGYSKPPGALQLMQQLKALLDPKGILNPYKTLPSQAHHHHH
H
;
_entity_poly.pdbx_strand_id   A,B
#
loop_
_chem_comp.id
_chem_comp.type
_chem_comp.name
_chem_comp.formula
FAD non-polymer 'FLAVIN-ADENINE DINUCLEOTIDE' 'C27 H33 N9 O15 P2'
#
# COMPACT_ATOMS: atom_id res chain seq x y z
N VAL A 8 20.06 26.37 -5.65
CA VAL A 8 21.01 27.24 -6.32
C VAL A 8 21.65 28.20 -5.31
N ARG A 9 20.85 28.87 -4.48
CA ARG A 9 21.38 29.79 -3.47
C ARG A 9 21.07 29.30 -2.07
N ARG A 10 22.04 29.44 -1.18
CA ARG A 10 21.92 28.96 0.19
C ARG A 10 20.90 29.79 0.97
N LEU A 11 19.94 29.10 1.58
CA LEU A 11 18.91 29.74 2.37
C LEU A 11 19.50 30.19 3.71
N PRO A 12 18.80 31.12 4.47
CA PRO A 12 19.42 31.80 5.62
C PRO A 12 19.46 31.01 6.92
N PHE A 13 20.02 29.80 6.86
CA PHE A 13 20.19 28.96 8.04
C PHE A 13 21.39 29.48 8.83
N SER A 14 21.38 29.18 10.14
CA SER A 14 22.53 29.47 10.97
C SER A 14 23.73 28.60 10.55
N THR A 15 24.88 28.92 11.13
CA THR A 15 26.13 28.21 10.94
C THR A 15 26.51 27.53 12.24
N VAL A 16 27.13 26.35 12.13
CA VAL A 16 27.50 25.57 13.31
C VAL A 16 28.59 26.29 14.07
N SER A 17 28.32 26.59 15.35
CA SER A 17 29.32 27.25 16.19
C SER A 17 30.06 26.21 17.03
N LYS A 18 31.03 26.69 17.82
CA LYS A 18 31.70 25.83 18.80
C LYS A 18 30.74 25.35 19.87
N GLN A 19 29.72 26.14 20.19
CA GLN A 19 28.76 25.72 21.20
C GLN A 19 27.83 24.64 20.68
N ASP A 20 27.51 24.68 19.39
CA ASP A 20 26.71 23.62 18.77
C ASP A 20 27.46 22.29 18.79
N LEU A 21 28.74 22.30 18.42
CA LEU A 21 29.54 21.09 18.50
C LEU A 21 29.55 20.51 19.92
N ALA A 22 29.70 21.36 20.93
CA ALA A 22 29.69 20.90 22.31
C ALA A 22 28.32 20.37 22.71
N ALA A 23 27.25 20.97 22.21
CA ALA A 23 25.92 20.42 22.48
C ALA A 23 25.77 19.05 21.83
N PHE A 24 26.21 18.91 20.59
CA PHE A 24 26.11 17.62 19.90
C PHE A 24 26.98 16.57 20.58
N GLU A 25 28.15 16.95 21.09
CA GLU A 25 28.99 16.02 21.84
C GLU A 25 28.30 15.51 23.11
N ARG A 26 27.55 16.38 23.79
CA ARG A 26 26.72 15.92 24.92
C ARG A 26 25.63 14.95 24.49
N ILE A 27 24.96 15.24 23.37
CA ILE A 27 23.84 14.40 22.94
C ILE A 27 24.32 13.05 22.42
N VAL A 28 25.32 13.06 21.54
CA VAL A 28 25.85 11.84 20.95
C VAL A 28 27.35 11.75 21.23
N PRO A 29 27.75 11.39 22.45
CA PRO A 29 29.19 11.29 22.73
C PRO A 29 29.83 10.21 21.89
N GLY A 30 30.95 10.55 21.26
CA GLY A 30 31.59 9.67 20.33
C GLY A 30 31.05 9.70 18.92
N GLY A 31 29.94 10.42 18.66
CA GLY A 31 29.32 10.38 17.36
C GLY A 31 29.33 11.69 16.60
N VAL A 32 30.34 12.54 16.86
CA VAL A 32 30.49 13.84 16.24
C VAL A 32 31.76 13.79 15.40
N VAL A 33 31.61 13.68 14.08
CA VAL A 33 32.76 13.63 13.19
C VAL A 33 32.90 15.00 12.56
N THR A 34 34.07 15.61 12.76
CA THR A 34 34.38 16.90 12.15
C THR A 34 35.67 16.88 11.35
N ASP A 35 36.30 15.71 11.20
CA ASP A 35 37.55 15.63 10.47
C ASP A 35 37.29 15.91 9.00
N PRO A 36 37.93 16.94 8.41
CA PRO A 36 37.64 17.26 7.01
C PRO A 36 37.86 16.11 6.03
N GLU A 37 38.89 15.30 6.23
CA GLU A 37 39.10 14.17 5.33
C GLU A 37 38.03 13.09 5.51
N ALA A 38 37.53 12.90 6.74
CA ALA A 38 36.42 11.97 6.97
C ALA A 38 35.10 12.46 6.38
N LEU A 39 34.92 13.77 6.23
CA LEU A 39 33.68 14.30 5.67
C LEU A 39 33.62 14.28 4.14
N GLN A 40 34.71 13.92 3.46
CA GLN A 40 34.72 13.97 2.00
C GLN A 40 33.75 12.97 1.39
N ALA A 41 33.88 11.68 1.76
CA ALA A 41 32.97 10.64 1.25
C ALA A 41 31.49 10.92 1.51
N PRO A 42 31.05 11.26 2.72
CA PRO A 42 29.61 11.53 2.92
C PRO A 42 29.08 12.78 2.22
N ASN A 43 29.95 13.69 1.77
CA ASN A 43 29.49 14.84 0.98
C ASN A 43 29.32 14.55 -0.51
N VAL A 44 29.77 13.42 -1.03
CA VAL A 44 29.68 13.10 -2.46
C VAL A 44 28.63 12.01 -2.69
N ASP A 45 27.71 12.26 -3.63
CA ASP A 45 26.67 11.28 -3.89
C ASP A 45 27.22 10.06 -4.64
N TRP A 46 26.37 9.03 -4.75
CA TRP A 46 26.77 7.76 -5.34
C TRP A 46 27.27 7.93 -6.77
N LEU A 47 26.62 8.78 -7.57
CA LEU A 47 27.03 8.97 -8.96
C LEU A 47 28.30 9.81 -9.08
N ARG A 48 28.73 10.48 -8.00
CA ARG A 48 29.95 11.27 -7.93
C ARG A 48 29.91 12.55 -8.78
N THR A 49 28.71 13.07 -9.01
CA THR A 49 28.54 14.32 -9.76
C THR A 49 27.99 15.44 -8.89
N LEU A 50 27.70 15.17 -7.61
CA LEU A 50 27.30 16.19 -6.65
C LEU A 50 28.15 16.07 -5.40
N ARG A 51 28.51 17.21 -4.82
CA ARG A 51 29.42 17.25 -3.68
C ARG A 51 29.06 18.42 -2.78
N GLY A 52 28.69 18.11 -1.53
CA GLY A 52 28.36 19.13 -0.56
C GLY A 52 29.59 19.61 0.19
N CYS A 53 29.36 20.55 1.10
CA CYS A 53 30.45 21.15 1.87
C CYS A 53 30.14 21.11 3.36
N SER A 54 29.48 20.05 3.79
CA SER A 54 29.21 19.87 5.21
C SER A 54 30.49 19.63 5.99
N LYS A 55 30.58 20.26 7.15
CA LYS A 55 31.72 20.16 8.05
C LYS A 55 31.38 19.39 9.32
N VAL A 56 30.17 18.85 9.44
CA VAL A 56 29.78 18.08 10.62
C VAL A 56 28.97 16.86 10.21
N LEU A 57 29.42 15.68 10.63
CA LEU A 57 28.69 14.43 10.51
C LEU A 57 28.33 13.96 11.90
N LEU A 58 27.04 13.67 12.13
CA LEU A 58 26.55 13.15 13.40
C LEU A 58 26.08 11.71 13.20
N ARG A 59 26.43 10.82 14.13
CA ARG A 59 26.16 9.39 13.99
C ARG A 59 25.42 8.90 15.24
N PRO A 60 24.14 9.22 15.37
CA PRO A 60 23.38 8.77 16.54
C PRO A 60 23.24 7.25 16.59
N ARG A 61 23.03 6.76 17.81
CA ARG A 61 22.83 5.36 18.11
C ARG A 61 21.35 5.03 18.35
N THR A 62 20.59 5.98 18.93
CA THR A 62 19.21 5.75 19.34
C THR A 62 18.25 6.80 18.80
N SER A 63 16.95 6.49 18.91
CA SER A 63 15.90 7.41 18.52
C SER A 63 15.89 8.68 19.39
N GLU A 64 16.13 8.53 20.69
CA GLU A 64 16.17 9.69 21.57
C GLU A 64 17.29 10.65 21.20
N GLU A 65 18.46 10.09 20.87
CA GLU A 65 19.58 10.90 20.37
C GLU A 65 19.19 11.70 19.12
N VAL A 66 18.43 11.08 18.20
CA VAL A 66 17.94 11.80 17.03
C VAL A 66 17.02 12.94 17.46
N SER A 67 16.07 12.66 18.36
CA SER A 67 15.14 13.68 18.85
C SER A 67 15.85 14.87 19.47
N HIS A 68 16.89 14.63 20.27
CA HIS A 68 17.60 15.73 20.91
C HIS A 68 18.41 16.53 19.91
N ILE A 69 18.96 15.86 18.89
CA ILE A 69 19.68 16.58 17.83
C ILE A 69 18.73 17.54 17.11
N LEU A 70 17.58 17.04 16.65
CA LEU A 70 16.66 17.91 15.93
C LEU A 70 16.06 19.01 16.81
N ARG A 71 15.76 18.72 18.08
CA ARG A 71 15.35 19.80 18.98
C ARG A 71 16.38 20.93 18.98
N HIS A 72 17.66 20.57 19.12
CA HIS A 72 18.72 21.59 19.09
C HIS A 72 18.81 22.28 17.74
N CYS A 73 18.77 21.51 16.65
CA CYS A 73 18.84 22.10 15.31
C CYS A 73 17.64 23.00 15.03
N HIS A 74 16.47 22.63 15.54
CA HIS A 74 15.29 23.45 15.37
C HIS A 74 15.44 24.78 16.12
N GLU A 75 15.83 24.72 17.40
CA GLU A 75 16.01 25.94 18.18
C GLU A 75 17.06 26.85 17.56
N ARG A 76 18.10 26.27 16.98
CA ARG A 76 19.20 27.06 16.42
C ARG A 76 19.03 27.38 14.95
N ASN A 77 17.99 26.87 14.30
CA ASN A 77 17.76 27.01 12.86
C ASN A 77 18.98 26.55 12.06
N LEU A 78 19.40 25.30 12.29
CA LEU A 78 20.45 24.66 11.51
C LEU A 78 19.83 23.61 10.58
N ALA A 79 20.25 23.63 9.31
CA ALA A 79 19.78 22.64 8.34
C ALA A 79 20.39 21.26 8.57
N VAL A 80 19.57 20.23 8.36
CA VAL A 80 19.94 18.83 8.58
C VAL A 80 19.71 18.04 7.29
N ASN A 81 20.70 17.24 6.89
CA ASN A 81 20.65 16.37 5.73
C ASN A 81 20.67 14.92 6.21
N PRO A 82 19.52 14.24 6.31
CA PRO A 82 19.54 12.83 6.71
C PRO A 82 20.17 11.95 5.65
N GLN A 83 20.95 10.96 6.09
CA GLN A 83 21.63 10.06 5.17
C GLN A 83 21.60 8.61 5.67
N GLY A 84 21.27 7.70 4.76
CA GLY A 84 21.29 6.27 5.01
C GLY A 84 22.55 5.63 4.44
N GLY A 85 22.37 4.68 3.51
CA GLY A 85 23.47 4.08 2.76
C GLY A 85 24.09 4.96 1.67
N ASN A 86 23.49 6.11 1.34
CA ASN A 86 24.03 7.04 0.33
C ASN A 86 24.17 6.37 -1.03
N THR A 87 23.20 5.53 -1.40
CA THR A 87 23.11 4.93 -2.72
C THR A 87 22.02 5.58 -3.59
N GLY A 88 21.31 6.58 -3.07
CA GLY A 88 20.29 7.27 -3.84
C GLY A 88 20.84 7.90 -5.11
N MET A 89 19.97 8.08 -6.08
CA MET A 89 20.41 8.42 -7.44
C MET A 89 20.08 9.85 -7.86
N VAL A 90 19.43 10.62 -7.00
CA VAL A 90 18.85 11.89 -7.40
C VAL A 90 19.38 13.05 -6.55
N GLY A 91 20.54 12.85 -5.92
CA GLY A 91 21.15 13.89 -5.13
C GLY A 91 20.40 14.29 -3.88
N GLY A 92 19.54 13.41 -3.38
CA GLY A 92 18.81 13.69 -2.17
C GLY A 92 19.61 13.48 -0.90
N SER A 93 20.66 12.67 -0.98
CA SER A 93 21.31 12.13 0.21
C SER A 93 22.54 12.91 0.63
N VAL A 94 22.95 13.93 -0.12
CA VAL A 94 24.14 14.70 0.26
C VAL A 94 23.76 16.17 0.36
N PRO A 95 24.43 16.95 1.21
CA PRO A 95 24.14 18.39 1.30
C PRO A 95 24.43 19.13 0.01
N VAL A 96 23.74 20.25 -0.15
CA VAL A 96 24.06 21.20 -1.21
C VAL A 96 25.12 22.20 -0.73
N PHE A 97 25.00 22.63 0.52
CA PHE A 97 25.96 23.55 1.14
C PHE A 97 26.55 22.97 2.42
N ASP A 98 26.21 23.55 3.56
CA ASP A 98 26.79 23.12 4.83
C ASP A 98 25.75 22.54 5.80
N GLU A 99 24.73 21.88 5.27
CA GLU A 99 23.79 21.12 6.08
C GLU A 99 24.51 20.09 6.95
N ILE A 100 24.02 19.92 8.18
CA ILE A 100 24.52 18.87 9.06
C ILE A 100 24.12 17.52 8.50
N ILE A 101 25.09 16.62 8.33
CA ILE A 101 24.79 15.25 7.89
C ILE A 101 24.46 14.42 9.12
N LEU A 102 23.22 13.96 9.21
CA LEU A 102 22.80 13.03 10.26
C LEU A 102 22.76 11.63 9.66
N SER A 103 23.71 10.79 10.04
CA SER A 103 23.81 9.44 9.49
C SER A 103 23.12 8.43 10.40
N THR A 104 22.43 7.47 9.78
CA THR A 104 21.81 6.35 10.49
C THR A 104 22.74 5.14 10.60
N ALA A 105 24.02 5.31 10.25
CA ALA A 105 24.96 4.21 10.15
C ALA A 105 24.99 3.35 11.41
N ARG A 106 24.89 3.97 12.60
CA ARG A 106 24.97 3.26 13.88
C ARG A 106 23.61 2.81 14.42
N MET A 107 22.52 3.12 13.73
CA MET A 107 21.18 2.69 14.13
C MET A 107 20.85 1.38 13.41
N ASN A 108 21.57 0.33 13.81
CA ASN A 108 21.62 -0.91 13.02
C ASN A 108 21.19 -2.17 13.75
N ARG A 109 20.35 -2.05 14.78
CA ARG A 109 19.89 -3.22 15.52
C ARG A 109 18.52 -3.69 15.03
N VAL A 110 18.35 -5.01 14.99
CA VAL A 110 17.03 -5.60 14.89
C VAL A 110 16.42 -5.55 16.28
N LEU A 111 15.17 -5.09 16.36
CA LEU A 111 14.50 -4.97 17.65
C LEU A 111 13.63 -6.17 17.99
N SER A 112 12.89 -6.70 17.02
CA SER A 112 12.14 -7.93 17.27
C SER A 112 11.86 -8.57 15.93
N PHE A 113 11.59 -9.87 15.97
CA PHE A 113 11.09 -10.59 14.81
C PHE A 113 10.19 -11.72 15.25
N HIS A 114 8.92 -11.69 14.84
CA HIS A 114 7.99 -12.73 15.22
C HIS A 114 8.09 -13.85 14.20
N SER A 115 8.61 -15.00 14.63
CA SER A 115 8.95 -16.13 13.78
C SER A 115 7.73 -16.76 13.11
N VAL A 116 6.51 -16.40 13.53
CA VAL A 116 5.30 -16.92 12.92
C VAL A 116 4.66 -15.91 11.98
N SER A 117 4.44 -14.68 12.45
CA SER A 117 3.82 -13.66 11.59
C SER A 117 4.79 -13.12 10.54
N GLY A 118 6.10 -13.25 10.76
CA GLY A 118 7.08 -12.68 9.88
C GLY A 118 7.26 -11.17 10.02
N ILE A 119 6.78 -10.60 11.11
CA ILE A 119 6.85 -9.16 11.32
C ILE A 119 8.21 -8.81 11.89
N LEU A 120 8.92 -7.92 11.20
CA LEU A 120 10.26 -7.47 11.58
C LEU A 120 10.18 -6.03 12.09
N VAL A 121 10.75 -5.78 13.27
CA VAL A 121 10.95 -4.42 13.78
C VAL A 121 12.44 -4.19 13.91
N CYS A 122 12.93 -3.14 13.24
CA CYS A 122 14.35 -2.86 13.23
C CYS A 122 14.57 -1.37 13.11
N GLN A 123 15.77 -0.95 13.49
CA GLN A 123 16.20 0.44 13.37
C GLN A 123 16.46 0.80 11.91
N ALA A 124 16.33 2.09 11.59
CA ALA A 124 16.39 2.60 10.23
C ALA A 124 17.73 2.35 9.54
N GLY A 125 18.82 2.28 10.28
CA GLY A 125 20.11 2.07 9.68
C GLY A 125 20.54 0.62 9.45
N CYS A 126 19.66 -0.35 9.63
CA CYS A 126 19.98 -1.72 9.24
C CYS A 126 20.15 -1.80 7.72
N VAL A 127 21.26 -2.41 7.28
CA VAL A 127 21.53 -2.58 5.85
C VAL A 127 20.63 -3.68 5.29
N LEU A 128 20.12 -3.46 4.06
CA LEU A 128 19.12 -4.37 3.49
C LEU A 128 19.65 -5.80 3.36
N GLU A 129 20.84 -5.96 2.80
CA GLU A 129 21.48 -7.27 2.70
C GLU A 129 21.52 -7.98 4.06
N GLU A 130 21.90 -7.25 5.12
CA GLU A 130 22.01 -7.85 6.45
C GLU A 130 20.64 -8.27 6.97
N LEU A 131 19.60 -7.48 6.67
CA LEU A 131 18.26 -7.88 7.12
C LEU A 131 17.80 -9.13 6.36
N SER A 132 18.11 -9.21 5.07
CA SER A 132 17.79 -10.40 4.29
C SER A 132 18.43 -11.64 4.89
N ARG A 133 19.73 -11.55 5.19
CA ARG A 133 20.43 -12.63 5.87
C ARG A 133 19.72 -13.03 7.17
N TYR A 134 19.41 -12.05 8.01
CA TYR A 134 18.76 -12.31 9.30
C TYR A 134 17.42 -13.04 9.16
N VAL A 135 16.51 -12.52 8.33
CA VAL A 135 15.21 -13.17 8.20
C VAL A 135 15.25 -14.47 7.39
N GLU A 136 16.19 -14.60 6.44
CA GLU A 136 16.33 -15.85 5.71
C GLU A 136 16.84 -16.99 6.58
N GLU A 137 17.73 -16.71 7.52
CA GLU A 137 18.08 -17.70 8.54
C GLU A 137 16.85 -18.20 9.29
N ARG A 138 15.78 -17.41 9.34
CA ARG A 138 14.54 -17.79 9.99
C ARG A 138 13.40 -18.12 9.01
N ASP A 139 13.74 -18.48 7.76
CA ASP A 139 12.76 -18.88 6.73
C ASP A 139 11.77 -17.79 6.34
N PHE A 140 12.24 -16.54 6.26
CA PHE A 140 11.45 -15.45 5.74
C PHE A 140 12.35 -14.64 4.82
N ILE A 141 11.75 -13.77 4.01
CA ILE A 141 12.52 -12.90 3.11
C ILE A 141 12.03 -11.46 3.25
N MET A 142 12.89 -10.53 2.89
CA MET A 142 12.45 -9.15 2.78
C MET A 142 11.47 -9.00 1.62
N PRO A 143 10.46 -8.13 1.76
CA PRO A 143 9.52 -7.90 0.66
C PRO A 143 10.08 -7.08 -0.50
N LEU A 144 11.31 -6.58 -0.38
CA LEU A 144 11.95 -5.83 -1.47
C LEU A 144 13.40 -6.31 -1.58
N ASP A 145 13.96 -6.12 -2.77
CA ASP A 145 15.39 -6.30 -2.98
C ASP A 145 15.85 -5.37 -4.09
N LEU A 146 17.11 -4.95 -4.00
CA LEU A 146 17.66 -3.95 -4.91
C LEU A 146 19.12 -4.29 -5.15
N GLY A 147 19.64 -3.83 -6.29
CA GLY A 147 21.07 -3.90 -6.57
C GLY A 147 21.95 -3.25 -5.52
N ALA A 148 21.43 -2.25 -4.79
CA ALA A 148 22.16 -1.56 -3.73
C ALA A 148 22.10 -2.26 -2.37
N LYS A 149 21.58 -3.50 -2.33
CA LYS A 149 21.35 -4.21 -1.07
C LYS A 149 22.54 -4.19 -0.11
N GLY A 150 23.76 -4.30 -0.63
CA GLY A 150 24.95 -4.29 0.20
C GLY A 150 25.18 -3.03 0.99
N SER A 151 24.58 -1.91 0.58
CA SER A 151 24.82 -0.64 1.25
C SER A 151 23.57 0.10 1.73
N CYS A 152 22.45 -0.04 1.01
CA CYS A 152 21.26 0.74 1.32
C CYS A 152 20.68 0.36 2.68
N HIS A 153 20.16 1.37 3.39
CA HIS A 153 19.56 1.21 4.69
C HIS A 153 18.05 1.09 4.54
N ILE A 154 17.42 0.30 5.43
CA ILE A 154 15.98 0.14 5.37
C ILE A 154 15.28 1.48 5.56
N GLY A 155 15.86 2.37 6.37
CA GLY A 155 15.32 3.73 6.50
C GLY A 155 15.33 4.49 5.19
N GLY A 156 16.42 4.37 4.43
CA GLY A 156 16.49 5.00 3.13
C GLY A 156 15.53 4.39 2.12
N ASN A 157 15.35 3.07 2.17
CA ASN A 157 14.38 2.41 1.29
C ASN A 157 12.97 2.93 1.53
N VAL A 158 12.58 3.09 2.81
CA VAL A 158 11.25 3.60 3.13
C VAL A 158 11.14 5.08 2.74
N ALA A 159 12.16 5.87 3.05
CA ALA A 159 12.16 7.30 2.71
C ALA A 159 12.05 7.54 1.21
N THR A 160 12.64 6.68 0.38
CA THR A 160 12.56 6.84 -1.07
C THR A 160 11.44 6.03 -1.70
N ASN A 161 10.68 5.25 -0.92
CA ASN A 161 9.67 4.33 -1.44
C ASN A 161 10.28 3.45 -2.55
N ALA A 162 11.34 2.74 -2.17
CA ALA A 162 12.08 1.96 -3.12
C ALA A 162 11.19 0.87 -3.73
N GLY A 163 11.36 0.63 -5.02
CA GLY A 163 10.65 -0.40 -5.75
C GLY A 163 11.46 -1.67 -5.75
N GLY A 164 12.17 -1.91 -6.85
CA GLY A 164 13.14 -2.98 -6.95
C GLY A 164 12.69 -4.22 -7.69
N LEU A 165 13.40 -5.32 -7.41
CA LEU A 165 13.43 -6.50 -8.27
C LEU A 165 12.37 -7.54 -7.95
N ARG A 166 11.70 -7.44 -6.80
CA ARG A 166 10.63 -8.36 -6.43
C ARG A 166 9.31 -7.62 -6.19
N PHE A 167 9.22 -6.38 -6.70
CA PHE A 167 8.01 -5.55 -6.61
C PHE A 167 6.82 -6.19 -7.31
N LEU A 168 7.08 -6.84 -8.43
CA LEU A 168 6.05 -7.55 -9.18
C LEU A 168 5.28 -8.55 -8.31
N ARG A 169 5.98 -9.20 -7.36
CA ARG A 169 5.35 -10.21 -6.52
C ARG A 169 4.79 -9.63 -5.22
N TYR A 170 5.58 -8.85 -4.50
CA TYR A 170 5.22 -8.39 -3.16
C TYR A 170 4.71 -6.95 -3.11
N GLY A 171 4.92 -6.16 -4.16
CA GLY A 171 4.32 -4.84 -4.24
C GLY A 171 5.03 -3.79 -3.39
N SER A 172 4.30 -2.72 -3.14
CA SER A 172 4.86 -1.47 -2.66
C SER A 172 5.12 -1.52 -1.15
N LEU A 173 6.10 -0.72 -0.71
CA LEU A 173 6.28 -0.45 0.71
C LEU A 173 5.05 0.21 1.33
N HIS A 174 4.28 0.95 0.54
CA HIS A 174 3.00 1.47 1.03
C HIS A 174 2.10 0.35 1.53
N GLY A 175 2.26 -0.87 0.99
CA GLY A 175 1.58 -2.05 1.49
C GLY A 175 2.31 -2.93 2.49
N THR A 176 3.63 -3.07 2.36
CA THR A 176 4.37 -4.01 3.20
C THR A 176 4.88 -3.42 4.50
N VAL A 177 5.01 -2.10 4.58
CA VAL A 177 5.41 -1.44 5.83
C VAL A 177 4.20 -1.38 6.77
N LEU A 178 4.36 -1.93 7.96
CA LEU A 178 3.28 -1.93 8.95
C LEU A 178 3.34 -0.77 9.94
N GLY A 179 4.53 -0.26 10.23
CA GLY A 179 4.66 0.82 11.19
C GLY A 179 5.96 1.56 11.06
N LEU A 180 5.95 2.81 11.51
CA LEU A 180 7.14 3.64 11.48
C LEU A 180 7.25 4.47 12.74
N GLU A 181 8.46 4.58 13.27
CA GLU A 181 8.79 5.64 14.20
C GLU A 181 9.53 6.75 13.46
N VAL A 182 9.04 7.98 13.59
CA VAL A 182 9.59 9.13 12.90
C VAL A 182 9.86 10.24 13.91
N VAL A 183 10.99 10.91 13.76
CA VAL A 183 11.34 12.08 14.56
C VAL A 183 11.13 13.31 13.69
N LEU A 184 10.25 14.21 14.13
CA LEU A 184 9.91 15.39 13.35
C LEU A 184 10.97 16.47 13.54
N ALA A 185 10.88 17.50 12.69
CA ALA A 185 11.91 18.54 12.63
C ALA A 185 12.16 19.20 13.99
N ASP A 186 11.13 19.35 14.81
CA ASP A 186 11.30 19.98 16.12
C ASP A 186 11.75 19.01 17.21
N GLY A 187 12.03 17.76 16.88
CA GLY A 187 12.40 16.74 17.86
C GLY A 187 11.27 15.84 18.30
N THR A 188 10.01 16.18 17.97
CA THR A 188 8.88 15.36 18.38
C THR A 188 9.01 13.94 17.84
N VAL A 189 8.84 12.96 18.72
CA VAL A 189 8.87 11.57 18.31
C VAL A 189 7.44 11.18 17.96
N LEU A 190 7.23 10.82 16.70
CA LEU A 190 5.94 10.35 16.23
C LEU A 190 5.96 8.83 16.23
N ASP A 191 5.10 8.25 17.07
CA ASP A 191 4.97 6.80 17.21
C ASP A 191 3.81 6.28 16.36
N CYS A 192 4.15 5.73 15.20
CA CYS A 192 3.22 4.98 14.36
C CYS A 192 3.72 3.55 14.21
N LEU A 193 4.40 3.05 15.24
CA LEU A 193 5.11 1.78 15.14
C LEU A 193 4.20 0.64 15.58
N THR A 194 3.05 0.56 14.90
CA THR A 194 2.16 -0.55 15.17
C THR A 194 2.70 -1.76 14.43
N SER A 195 2.33 -2.95 14.88
CA SER A 195 2.74 -4.16 14.20
C SER A 195 1.53 -5.01 13.81
N LEU A 196 0.43 -4.36 13.49
CA LEU A 196 -0.81 -5.04 13.14
C LEU A 196 -0.95 -5.08 11.64
N ARG A 197 -1.41 -6.22 11.13
CA ARG A 197 -1.74 -6.35 9.72
C ARG A 197 -2.88 -5.40 9.32
N LYS A 198 -3.86 -5.22 10.21
CA LYS A 198 -5.04 -4.41 9.90
C LYS A 198 -5.35 -3.50 11.09
N ASP A 199 -5.45 -2.20 10.82
CA ASP A 199 -5.71 -1.21 11.87
C ASP A 199 -6.32 0.07 11.26
N ASN A 200 -7.65 0.13 11.23
CA ASN A 200 -8.33 1.32 10.71
C ASN A 200 -8.81 2.26 11.82
N THR A 201 -7.92 2.63 12.73
CA THR A 201 -8.25 3.58 13.79
C THR A 201 -7.67 4.96 13.47
N GLY A 202 -8.22 5.58 12.43
CA GLY A 202 -7.86 6.92 12.04
C GLY A 202 -7.02 6.97 10.78
N TYR A 203 -6.36 8.11 10.59
CA TYR A 203 -5.61 8.32 9.36
C TYR A 203 -4.32 7.51 9.38
N ASP A 204 -3.94 7.00 8.21
CA ASP A 204 -2.74 6.18 8.05
C ASP A 204 -1.51 7.09 7.89
N LEU A 205 -1.15 7.74 9.00
CA LEU A 205 -0.11 8.77 9.01
C LEU A 205 1.25 8.28 8.49
N LYS A 206 1.61 7.02 8.74
CA LYS A 206 2.93 6.54 8.30
C LYS A 206 3.12 6.68 6.80
N GLN A 207 2.03 6.56 6.02
CA GLN A 207 2.09 6.64 4.56
C GLN A 207 2.69 7.94 4.05
N LEU A 208 2.48 9.05 4.76
CA LEU A 208 3.08 10.33 4.37
C LEU A 208 4.60 10.29 4.34
N PHE A 209 5.22 9.46 5.18
CA PHE A 209 6.66 9.43 5.28
C PHE A 209 7.32 8.42 4.37
N ILE A 210 6.54 7.57 3.72
CA ILE A 210 7.05 6.59 2.78
C ILE A 210 7.11 7.32 1.43
N GLY A 211 8.32 7.54 0.93
CA GLY A 211 8.51 8.37 -0.24
C GLY A 211 8.70 9.84 0.02
N SER A 212 8.80 10.27 1.29
CA SER A 212 8.98 11.66 1.65
C SER A 212 10.45 12.11 1.68
N GLU A 213 11.41 11.21 1.45
CA GLU A 213 12.80 11.55 1.17
C GLU A 213 13.45 12.45 2.22
N GLY A 214 13.10 12.22 3.49
CA GLY A 214 13.68 12.97 4.60
C GLY A 214 13.29 14.43 4.72
N THR A 215 12.26 14.89 4.01
CA THR A 215 11.82 16.29 4.08
C THR A 215 10.72 16.51 5.11
N LEU A 216 10.10 15.46 5.61
CA LEU A 216 9.01 15.56 6.58
C LEU A 216 9.34 14.98 7.95
N GLY A 217 10.45 14.26 8.08
CA GLY A 217 10.82 13.67 9.35
C GLY A 217 11.93 12.65 9.13
N ILE A 218 12.60 12.25 10.19
CA ILE A 218 13.64 11.23 10.08
C ILE A 218 13.07 9.91 10.59
N ILE A 219 13.02 8.93 9.69
CA ILE A 219 12.57 7.58 10.04
C ILE A 219 13.66 6.95 10.89
N THR A 220 13.29 6.51 12.11
CA THR A 220 14.25 5.88 13.01
C THR A 220 14.00 4.39 13.24
N THR A 221 12.74 3.94 13.15
CA THR A 221 12.38 2.54 13.34
C THR A 221 11.33 2.16 12.29
N VAL A 222 11.50 0.95 11.74
CA VAL A 222 10.62 0.41 10.71
C VAL A 222 10.04 -0.92 11.19
N SER A 223 8.73 -1.09 11.00
CA SER A 223 8.06 -2.37 11.15
C SER A 223 7.57 -2.82 9.78
N ILE A 224 7.93 -4.03 9.36
CA ILE A 224 7.69 -4.46 8.00
C ILE A 224 7.33 -5.94 7.96
N LEU A 225 6.41 -6.30 7.06
CA LEU A 225 5.93 -7.66 6.89
C LEU A 225 6.83 -8.43 5.94
N CYS A 226 7.50 -9.47 6.46
CA CYS A 226 8.37 -10.28 5.62
C CYS A 226 7.59 -11.47 5.08
N PRO A 227 7.55 -11.67 3.76
CA PRO A 227 6.93 -12.89 3.21
C PRO A 227 7.69 -14.13 3.63
N PRO A 228 7.03 -15.28 3.67
CA PRO A 228 7.75 -16.54 3.90
C PRO A 228 8.79 -16.80 2.82
N LYS A 229 9.86 -17.48 3.21
CA LYS A 229 10.92 -17.81 2.27
C LYS A 229 10.45 -18.91 1.33
N PRO A 230 10.58 -18.73 0.02
CA PRO A 230 10.13 -19.77 -0.91
C PRO A 230 10.95 -21.05 -0.83
N ARG A 231 10.27 -22.18 -0.96
CA ARG A 231 10.95 -23.47 -1.05
C ARG A 231 11.72 -23.60 -2.34
N ALA A 232 11.20 -23.06 -3.43
CA ALA A 232 11.85 -23.17 -4.72
C ALA A 232 11.92 -21.80 -5.41
N VAL A 233 13.12 -21.41 -5.79
CA VAL A 233 13.38 -20.23 -6.59
C VAL A 233 14.02 -20.70 -7.87
N ASN A 234 13.43 -20.31 -9.00
CA ASN A 234 13.99 -20.57 -10.31
C ASN A 234 14.23 -19.26 -11.04
N VAL A 235 15.28 -19.24 -11.85
CA VAL A 235 15.60 -18.11 -12.72
C VAL A 235 15.83 -18.66 -14.13
N ALA A 236 15.13 -18.09 -15.10
CA ALA A 236 15.39 -18.34 -16.52
C ALA A 236 15.95 -17.07 -17.14
N PHE A 237 17.13 -17.18 -17.76
CA PHE A 237 17.69 -16.07 -18.51
C PHE A 237 17.56 -16.40 -19.99
N LEU A 238 16.77 -15.61 -20.71
CA LEU A 238 16.34 -15.92 -22.07
C LEU A 238 16.78 -14.84 -23.05
N GLY A 239 17.10 -15.27 -24.27
CA GLY A 239 17.40 -14.36 -25.37
C GLY A 239 16.22 -14.28 -26.33
N CYS A 240 15.79 -13.04 -26.60
CA CYS A 240 14.66 -12.76 -27.47
C CYS A 240 15.10 -12.02 -28.72
N PRO A 241 14.53 -12.32 -29.88
CA PRO A 241 15.01 -11.71 -31.14
C PRO A 241 14.47 -10.32 -31.42
N GLY A 242 13.57 -9.80 -30.60
CA GLY A 242 13.12 -8.42 -30.74
C GLY A 242 12.23 -8.05 -29.58
N PHE A 243 11.87 -6.77 -29.53
CA PHE A 243 11.01 -6.31 -28.43
C PHE A 243 9.58 -6.80 -28.54
N ALA A 244 9.05 -7.01 -29.76
CA ALA A 244 7.74 -7.64 -29.85
C ALA A 244 7.73 -8.99 -29.14
N GLU A 245 8.81 -9.75 -29.28
CA GLU A 245 8.91 -11.04 -28.62
C GLU A 245 9.13 -10.91 -27.12
N VAL A 246 9.89 -9.90 -26.69
CA VAL A 246 9.99 -9.60 -25.26
C VAL A 246 8.60 -9.40 -24.65
N LEU A 247 7.77 -8.57 -25.30
CA LEU A 247 6.42 -8.31 -24.81
C LEU A 247 5.54 -9.53 -24.84
N GLN A 248 5.67 -10.36 -25.88
CA GLN A 248 4.86 -11.58 -25.95
C GLN A 248 5.36 -12.63 -24.96
N THR A 249 6.68 -12.71 -24.73
CA THR A 249 7.20 -13.54 -23.65
C THR A 249 6.61 -13.13 -22.29
N PHE A 250 6.51 -11.83 -22.03
CA PHE A 250 5.88 -11.37 -20.80
C PHE A 250 4.42 -11.81 -20.70
N SER A 251 3.65 -11.61 -21.77
CA SER A 251 2.24 -12.00 -21.79
C SER A 251 2.07 -13.50 -21.55
N THR A 252 2.87 -14.31 -22.24
CA THR A 252 2.78 -15.76 -22.11
C THR A 252 3.19 -16.20 -20.71
N CYS A 253 4.27 -15.60 -20.20
CA CYS A 253 4.73 -15.79 -18.84
C CYS A 253 3.62 -15.61 -17.80
N LYS A 254 2.82 -14.54 -17.91
CA LYS A 254 1.73 -14.36 -16.95
C LYS A 254 0.66 -15.43 -17.10
N GLY A 255 0.33 -15.81 -18.34
CA GLY A 255 -0.64 -16.88 -18.55
C GLY A 255 -0.18 -18.26 -18.11
N MET A 256 1.11 -18.56 -18.24
CA MET A 256 1.59 -19.93 -18.02
C MET A 256 2.32 -20.12 -16.69
N LEU A 257 2.90 -19.07 -16.11
CA LEU A 257 3.56 -19.16 -14.81
C LEU A 257 2.68 -18.58 -13.70
N GLY A 258 2.02 -17.46 -13.97
CA GLY A 258 1.01 -16.95 -13.06
C GLY A 258 1.52 -16.54 -11.69
N GLU A 259 0.89 -17.09 -10.64
CA GLU A 259 1.16 -16.68 -9.27
C GLU A 259 2.56 -17.01 -8.78
N ILE A 260 3.29 -17.92 -9.42
CA ILE A 260 4.66 -18.16 -8.95
C ILE A 260 5.65 -17.12 -9.46
N LEU A 261 5.24 -16.27 -10.41
CA LEU A 261 6.16 -15.26 -10.96
C LEU A 261 6.56 -14.27 -9.88
N SER A 262 7.87 -14.07 -9.71
CA SER A 262 8.40 -13.11 -8.74
C SER A 262 9.28 -12.03 -9.34
N ALA A 263 9.72 -12.15 -10.59
CA ALA A 263 10.47 -11.09 -11.24
C ALA A 263 10.39 -11.27 -12.76
N PHE A 264 10.35 -10.14 -13.46
CA PHE A 264 10.45 -10.10 -14.91
C PHE A 264 11.25 -8.87 -15.31
N GLU A 265 12.51 -9.08 -15.66
CA GLU A 265 13.42 -7.99 -16.00
C GLU A 265 13.86 -8.17 -17.44
N PHE A 266 14.21 -7.08 -18.09
CA PHE A 266 14.73 -7.12 -19.45
C PHE A 266 15.95 -6.20 -19.56
N MET A 267 16.76 -6.46 -20.60
CA MET A 267 17.91 -5.64 -20.96
C MET A 267 18.15 -5.83 -22.45
N ASP A 268 18.74 -4.83 -23.09
CA ASP A 268 19.03 -4.94 -24.51
C ASP A 268 20.47 -5.46 -24.73
N ALA A 269 20.84 -5.65 -26.00
CA ALA A 269 22.17 -6.15 -26.35
C ALA A 269 23.30 -5.27 -25.81
N VAL A 270 23.16 -3.95 -25.93
CA VAL A 270 24.24 -3.05 -25.51
C VAL A 270 24.50 -3.17 -24.02
N CYS A 271 23.44 -3.39 -23.22
CA CYS A 271 23.61 -3.64 -21.79
C CYS A 271 24.49 -4.84 -21.53
N MET A 272 24.21 -5.95 -22.21
CA MET A 272 25.01 -7.16 -22.06
C MET A 272 26.47 -6.89 -22.44
N GLN A 273 26.68 -6.20 -23.56
CA GLN A 273 28.04 -5.82 -23.97
C GLN A 273 28.74 -4.96 -22.93
N LEU A 274 28.03 -4.02 -22.31
CA LEU A 274 28.66 -3.17 -21.30
C LEU A 274 29.03 -3.91 -20.02
N VAL A 275 28.19 -4.83 -19.55
CA VAL A 275 28.60 -5.59 -18.36
C VAL A 275 29.77 -6.53 -18.67
N GLY A 276 29.81 -7.10 -19.89
CA GLY A 276 30.96 -7.91 -20.27
C GLY A 276 32.23 -7.10 -20.38
N ARG A 277 32.15 -5.92 -21.01
CA ARG A 277 33.33 -5.08 -21.20
C ARG A 277 33.89 -4.54 -19.90
N HIS A 278 33.06 -3.87 -19.09
CA HIS A 278 33.56 -3.19 -17.90
C HIS A 278 33.63 -4.08 -16.67
N LEU A 279 32.74 -5.08 -16.55
CA LEU A 279 32.73 -5.94 -15.37
C LEU A 279 33.24 -7.34 -15.63
N HIS A 280 33.48 -7.72 -16.88
CA HIS A 280 34.11 -9.00 -17.19
C HIS A 280 33.24 -10.18 -16.75
N LEU A 281 31.93 -10.02 -16.95
CA LEU A 281 30.90 -11.03 -16.69
C LEU A 281 30.43 -11.57 -18.04
N ALA A 282 30.60 -12.87 -18.26
CA ALA A 282 30.25 -13.45 -19.55
C ALA A 282 28.76 -13.78 -19.64
N SER A 283 28.21 -13.61 -20.84
CA SER A 283 26.83 -14.00 -21.12
C SER A 283 26.68 -15.52 -21.13
N PRO A 284 25.61 -16.06 -20.55
CA PRO A 284 25.38 -17.52 -20.59
C PRO A 284 24.57 -18.03 -21.78
N VAL A 285 24.05 -17.15 -22.64
CA VAL A 285 23.27 -17.54 -23.81
C VAL A 285 23.81 -16.87 -25.07
N GLN A 286 23.31 -17.32 -26.21
CA GLN A 286 23.73 -16.77 -27.51
C GLN A 286 23.39 -15.29 -27.58
N GLU A 287 24.14 -14.57 -28.42
CA GLU A 287 23.92 -13.14 -28.60
C GLU A 287 22.51 -12.88 -29.10
N SER A 288 21.81 -11.96 -28.46
CA SER A 288 20.46 -11.60 -28.86
C SER A 288 20.30 -10.09 -28.73
N PRO A 289 19.35 -9.50 -29.46
CA PRO A 289 19.08 -8.07 -29.27
C PRO A 289 18.48 -7.77 -27.90
N PHE A 290 17.75 -8.69 -27.29
CA PHE A 290 17.15 -8.47 -25.98
C PHE A 290 17.31 -9.70 -25.10
N TYR A 291 17.43 -9.47 -23.80
CA TYR A 291 17.47 -10.54 -22.81
C TYR A 291 16.37 -10.31 -21.77
N VAL A 292 15.77 -11.40 -21.29
CA VAL A 292 14.72 -11.37 -20.27
C VAL A 292 15.16 -12.26 -19.12
N LEU A 293 15.16 -11.70 -17.91
CA LEU A 293 15.37 -12.50 -16.70
C LEU A 293 14.03 -12.70 -16.02
N ILE A 294 13.60 -13.96 -15.95
CA ILE A 294 12.37 -14.37 -15.28
C ILE A 294 12.75 -15.09 -13.99
N GLU A 295 12.14 -14.68 -12.87
CA GLU A 295 12.24 -15.42 -11.61
C GLU A 295 10.88 -15.98 -11.19
N THR A 296 10.87 -17.20 -10.64
CA THR A 296 9.71 -17.75 -9.97
C THR A 296 10.02 -18.10 -8.53
N SER A 297 8.98 -18.07 -7.70
CA SER A 297 9.05 -18.41 -6.28
C SER A 297 7.77 -19.16 -5.91
N GLY A 298 7.92 -20.39 -5.40
CA GLY A 298 6.74 -21.19 -5.07
C GLY A 298 7.00 -22.17 -3.95
N SER A 299 5.91 -22.81 -3.52
CA SER A 299 5.95 -23.73 -2.38
C SER A 299 6.15 -25.18 -2.77
N ASN A 300 5.84 -25.53 -4.01
CA ASN A 300 6.05 -26.88 -4.52
C ASN A 300 6.99 -26.81 -5.71
N ALA A 301 8.23 -27.25 -5.49
CA ALA A 301 9.27 -27.16 -6.51
C ALA A 301 8.92 -27.95 -7.76
N GLY A 302 8.23 -29.09 -7.59
CA GLY A 302 7.87 -29.86 -8.75
C GLY A 302 6.81 -29.20 -9.60
N HIS A 303 5.79 -28.60 -8.97
CA HIS A 303 4.78 -27.85 -9.72
C HIS A 303 5.42 -26.67 -10.45
N ASP A 304 6.31 -25.95 -9.79
CA ASP A 304 7.01 -24.86 -10.43
C ASP A 304 7.81 -25.35 -11.63
N ALA A 305 8.60 -26.42 -11.45
CA ALA A 305 9.40 -26.95 -12.57
C ALA A 305 8.53 -27.38 -13.75
N GLU A 306 7.37 -27.99 -13.49
CA GLU A 306 6.46 -28.33 -14.59
C GLU A 306 5.93 -27.09 -15.30
N LYS A 307 5.55 -26.05 -14.53
CA LYS A 307 5.09 -24.81 -15.15
C LYS A 307 6.18 -24.19 -16.02
N LEU A 308 7.40 -24.13 -15.49
CA LEU A 308 8.53 -23.59 -16.23
C LEU A 308 8.80 -24.41 -17.49
N GLY A 309 8.76 -25.74 -17.36
CA GLY A 309 8.97 -26.62 -18.50
C GLY A 309 8.03 -26.33 -19.66
N HIS A 310 6.72 -26.27 -19.36
CA HIS A 310 5.75 -25.99 -20.40
C HIS A 310 5.91 -24.59 -20.97
N PHE A 311 6.23 -23.61 -20.12
CA PHE A 311 6.49 -22.26 -20.61
C PHE A 311 7.66 -22.20 -21.58
N LEU A 312 8.82 -22.77 -21.21
CA LEU A 312 9.99 -22.75 -22.08
C LEU A 312 9.72 -23.45 -23.38
N GLU A 313 9.14 -24.65 -23.30
CA GLU A 313 8.81 -25.42 -24.50
C GLU A 313 7.97 -24.57 -25.44
N HIS A 314 6.94 -23.91 -24.91
CA HIS A 314 6.11 -23.08 -25.76
C HIS A 314 6.86 -21.87 -26.30
N ALA A 315 7.66 -21.21 -25.45
CA ALA A 315 8.39 -20.02 -25.90
C ALA A 315 9.46 -20.35 -26.93
N LEU A 316 10.27 -21.38 -26.67
CA LEU A 316 11.23 -21.86 -27.67
C LEU A 316 10.53 -22.35 -28.93
N GLY A 317 9.43 -23.07 -28.77
CA GLY A 317 8.73 -23.63 -29.92
C GLY A 317 8.07 -22.59 -30.82
N SER A 318 7.56 -21.51 -30.25
CA SER A 318 6.90 -20.49 -31.05
C SER A 318 7.83 -19.36 -31.49
N GLY A 319 9.14 -19.52 -31.29
CA GLY A 319 10.07 -18.49 -31.70
C GLY A 319 10.07 -17.24 -30.86
N LEU A 320 9.41 -17.24 -29.70
CA LEU A 320 9.47 -16.06 -28.83
C LEU A 320 10.85 -15.94 -28.21
N VAL A 321 11.44 -17.07 -27.84
CA VAL A 321 12.77 -17.16 -27.29
C VAL A 321 13.65 -17.96 -28.24
N THR A 322 14.89 -17.50 -28.43
CA THR A 322 15.87 -18.15 -29.29
C THR A 322 16.76 -19.11 -28.50
N ASP A 323 17.24 -18.67 -27.34
CA ASP A 323 18.13 -19.42 -26.46
C ASP A 323 17.87 -19.04 -25.01
N GLY A 324 17.95 -20.03 -24.12
CA GLY A 324 17.65 -19.83 -22.70
C GLY A 324 18.49 -20.73 -21.80
N THR A 325 18.80 -20.23 -20.60
CA THR A 325 19.41 -21.03 -19.54
C THR A 325 18.61 -20.91 -18.24
N MET A 326 18.45 -22.04 -17.54
CA MET A 326 17.77 -22.06 -16.25
C MET A 326 18.69 -22.43 -15.09
N ALA A 327 18.30 -21.98 -13.90
CA ALA A 327 19.05 -22.21 -12.67
C ALA A 327 18.11 -22.25 -11.47
N THR A 328 18.34 -23.23 -10.59
CA THR A 328 17.72 -23.24 -9.28
C THR A 328 18.76 -23.24 -8.16
N ASP A 329 19.98 -23.69 -8.45
CA ASP A 329 21.11 -23.60 -7.52
C ASP A 329 21.43 -22.15 -7.14
N GLN A 330 21.56 -21.91 -5.83
CA GLN A 330 21.76 -20.56 -5.31
C GLN A 330 22.95 -19.84 -5.94
N ARG A 331 24.04 -20.55 -6.20
CA ARG A 331 25.22 -19.91 -6.78
C ARG A 331 24.94 -19.40 -8.19
N LYS A 332 24.39 -20.26 -9.06
CA LYS A 332 24.11 -19.87 -10.43
C LYS A 332 22.96 -18.86 -10.54
N VAL A 333 22.00 -18.92 -9.63
CA VAL A 333 20.94 -17.91 -9.59
C VAL A 333 21.53 -16.52 -9.37
N LYS A 334 22.46 -16.38 -8.42
CA LYS A 334 23.09 -15.08 -8.20
C LYS A 334 23.93 -14.65 -9.40
N MET A 335 24.57 -15.59 -10.09
CA MET A 335 25.31 -15.29 -11.30
C MET A 335 24.40 -14.67 -12.37
N LEU A 336 23.27 -15.33 -12.66
CA LEU A 336 22.34 -14.79 -13.66
C LEU A 336 21.80 -13.43 -13.24
N TRP A 337 21.40 -13.31 -11.97
CA TRP A 337 20.93 -12.04 -11.43
C TRP A 337 22.00 -10.95 -11.53
N ALA A 338 23.26 -11.30 -11.31
CA ALA A 338 24.34 -10.31 -11.42
C ALA A 338 24.38 -9.65 -12.79
N LEU A 339 24.02 -10.38 -13.85
CA LEU A 339 24.00 -9.82 -15.19
C LEU A 339 23.04 -8.64 -15.31
N ARG A 340 21.95 -8.65 -14.56
CA ARG A 340 20.99 -7.55 -14.53
C ARG A 340 21.34 -6.52 -13.45
N GLU A 341 21.60 -6.99 -12.23
CA GLU A 341 21.80 -6.11 -11.08
C GLU A 341 22.97 -5.13 -11.26
N ARG A 342 24.02 -5.53 -11.98
CA ARG A 342 25.23 -4.74 -12.08
C ARG A 342 25.31 -3.88 -13.35
N ILE A 343 24.20 -3.70 -14.05
CA ILE A 343 24.21 -2.86 -15.25
C ILE A 343 24.53 -1.41 -14.88
N THR A 344 23.85 -0.88 -13.84
CA THR A 344 24.08 0.50 -13.43
C THR A 344 25.55 0.77 -13.14
N GLU A 345 26.24 -0.22 -12.57
CA GLU A 345 27.69 -0.10 -12.35
C GLU A 345 28.45 -0.10 -13.67
N ALA A 346 28.15 -1.05 -14.56
CA ALA A 346 28.79 -1.09 -15.87
C ALA A 346 28.62 0.21 -16.65
N LEU A 347 27.45 0.86 -16.54
CA LEU A 347 27.23 2.14 -17.22
C LEU A 347 28.13 3.26 -16.70
N SER A 348 28.26 3.38 -15.37
CA SER A 348 29.12 4.39 -14.77
C SER A 348 30.59 4.17 -15.06
N ARG A 349 30.94 2.98 -15.53
CA ARG A 349 32.32 2.76 -15.98
C ARG A 349 32.48 3.03 -17.47
N ASP A 350 31.40 3.32 -18.19
CA ASP A 350 31.46 3.58 -19.63
C ASP A 350 31.72 5.05 -19.97
N GLY A 351 31.71 5.94 -18.98
CA GLY A 351 31.87 7.36 -19.18
C GLY A 351 30.80 8.13 -18.44
N TYR A 352 30.46 9.31 -18.92
CA TYR A 352 29.43 10.11 -18.27
C TYR A 352 28.06 9.52 -18.58
N VAL A 353 27.22 9.43 -17.56
CA VAL A 353 25.92 8.75 -17.67
C VAL A 353 24.82 9.77 -17.53
N TYR A 354 23.95 9.85 -18.54
CA TYR A 354 22.70 10.57 -18.45
C TYR A 354 21.64 9.52 -18.09
N LYS A 355 20.99 9.71 -16.94
CA LYS A 355 20.17 8.67 -16.31
C LYS A 355 18.72 9.11 -16.21
N TYR A 356 17.80 8.31 -16.77
CA TYR A 356 16.37 8.57 -16.67
C TYR A 356 15.67 7.32 -16.15
N ASP A 357 14.67 7.52 -15.28
CA ASP A 357 13.96 6.41 -14.65
C ASP A 357 12.47 6.69 -14.88
N LEU A 358 11.90 6.00 -15.87
CA LEU A 358 10.59 6.35 -16.39
C LEU A 358 9.57 5.22 -16.24
N SER A 359 8.32 5.61 -15.92
CA SER A 359 7.15 4.75 -16.04
C SER A 359 6.41 5.06 -17.34
N LEU A 360 6.26 4.05 -18.19
CA LEU A 360 5.63 4.18 -19.50
C LEU A 360 4.73 2.99 -19.74
N PRO A 361 3.75 3.12 -20.64
CA PRO A 361 2.97 1.96 -21.08
C PRO A 361 3.93 0.88 -21.56
N VAL A 362 3.73 -0.35 -21.07
CA VAL A 362 4.67 -1.44 -21.39
C VAL A 362 4.78 -1.61 -22.90
N GLU A 363 3.67 -1.52 -23.62
CA GLU A 363 3.63 -1.68 -25.06
C GLU A 363 4.51 -0.67 -25.79
N ARG A 364 4.90 0.44 -25.14
CA ARG A 364 5.82 1.32 -25.85
C ARG A 364 7.04 1.65 -25.00
N LEU A 365 7.43 0.72 -24.13
CA LEU A 365 8.52 0.96 -23.19
C LEU A 365 9.86 1.26 -23.88
N TYR A 366 10.14 0.60 -25.00
CA TYR A 366 11.43 0.72 -25.66
C TYR A 366 11.47 1.77 -26.76
N ASP A 367 10.30 2.30 -27.15
CA ASP A 367 10.23 3.25 -28.26
C ASP A 367 11.16 4.45 -28.05
N ILE A 368 11.28 4.93 -26.81
CA ILE A 368 12.13 6.11 -26.59
C ILE A 368 13.59 5.76 -26.83
N VAL A 369 13.99 4.52 -26.52
CA VAL A 369 15.36 4.09 -26.80
C VAL A 369 15.62 4.13 -28.30
N THR A 370 14.68 3.59 -29.10
CA THR A 370 14.85 3.63 -30.55
C THR A 370 14.83 5.07 -31.06
N ASP A 371 13.93 5.91 -30.52
CA ASP A 371 13.88 7.32 -30.89
C ASP A 371 15.19 8.06 -30.58
N LEU A 372 15.71 7.89 -29.36
CA LEU A 372 16.96 8.56 -29.00
C LEU A 372 18.16 8.14 -29.86
N ARG A 373 18.23 6.85 -30.24
CA ARG A 373 19.34 6.40 -31.08
C ARG A 373 19.36 7.08 -32.43
N ALA A 374 18.19 7.31 -33.03
CA ALA A 374 18.13 8.05 -34.29
C ALA A 374 18.41 9.54 -34.09
N ARG A 375 17.90 10.10 -33.00
CA ARG A 375 18.00 11.53 -32.70
C ARG A 375 19.44 11.96 -32.35
N LEU A 376 20.17 11.17 -31.57
CA LEU A 376 21.56 11.53 -31.30
C LEU A 376 22.62 10.83 -32.15
N GLY A 377 22.26 9.76 -32.86
CA GLY A 377 23.14 8.96 -33.67
C GLY A 377 24.59 8.87 -33.18
N PRO A 378 25.55 9.56 -33.83
CA PRO A 378 26.94 9.48 -33.37
C PRO A 378 27.33 10.45 -32.26
N HIS A 379 26.41 11.26 -31.73
CA HIS A 379 26.75 12.19 -30.66
C HIS A 379 26.69 11.57 -29.26
N ALA A 380 26.17 10.35 -29.15
CA ALA A 380 26.24 9.55 -27.93
C ALA A 380 27.18 8.37 -28.13
N LYS A 381 27.79 7.94 -27.02
CA LYS A 381 28.56 6.70 -27.06
C LYS A 381 27.62 5.50 -27.11
N HIS A 382 26.71 5.39 -26.15
CA HIS A 382 25.70 4.34 -26.15
C HIS A 382 24.37 4.88 -25.65
N VAL A 383 23.28 4.32 -26.17
CA VAL A 383 21.93 4.46 -25.63
C VAL A 383 21.41 3.08 -25.27
N VAL A 384 21.01 2.89 -24.01
CA VAL A 384 20.52 1.59 -23.53
C VAL A 384 19.15 1.72 -22.88
N GLY A 385 18.40 0.63 -22.91
CA GLY A 385 17.16 0.50 -22.16
C GLY A 385 17.13 -0.83 -21.43
N TYR A 386 16.79 -0.82 -20.14
CA TYR A 386 16.61 -2.05 -19.40
C TYR A 386 15.61 -1.79 -18.27
N GLY A 387 15.28 -2.85 -17.51
CA GLY A 387 14.60 -2.66 -16.25
C GLY A 387 13.33 -3.46 -16.05
N HIS A 388 12.43 -2.95 -15.17
CA HIS A 388 11.29 -3.72 -14.66
C HIS A 388 10.12 -3.61 -15.64
N LEU A 389 10.21 -4.38 -16.72
CA LEU A 389 9.16 -4.34 -17.73
C LEU A 389 7.80 -4.74 -17.17
N GLY A 390 7.75 -5.71 -16.26
CA GLY A 390 6.47 -6.08 -15.68
C GLY A 390 5.75 -4.94 -15.00
N ASP A 391 6.49 -3.98 -14.44
CA ASP A 391 5.91 -2.83 -13.76
C ASP A 391 5.92 -1.57 -14.63
N GLY A 392 6.18 -1.71 -15.94
CA GLY A 392 6.19 -0.56 -16.82
C GLY A 392 7.27 0.46 -16.54
N ASN A 393 8.45 0.03 -16.10
CA ASN A 393 9.47 0.94 -15.56
C ASN A 393 10.73 0.70 -16.39
N LEU A 394 11.10 1.72 -17.16
CA LEU A 394 12.27 1.68 -18.03
C LEU A 394 13.40 2.45 -17.38
N HIS A 395 14.58 1.84 -17.32
CA HIS A 395 15.79 2.57 -17.00
C HIS A 395 16.43 2.95 -18.33
N LEU A 396 16.47 4.25 -18.60
CA LEU A 396 16.99 4.77 -19.85
C LEU A 396 18.29 5.49 -19.54
N ASN A 397 19.37 5.07 -20.20
CA ASN A 397 20.66 5.68 -20.00
C ASN A 397 21.35 5.99 -21.32
N VAL A 398 22.01 7.15 -21.36
CA VAL A 398 22.87 7.55 -22.46
C VAL A 398 24.26 7.78 -21.88
N THR A 399 25.27 7.19 -22.50
CA THR A 399 26.65 7.39 -22.06
C THR A 399 27.39 8.25 -23.08
N ALA A 400 28.32 9.06 -22.59
CA ALA A 400 29.25 9.79 -23.43
C ALA A 400 30.64 9.72 -22.81
N GLU A 401 31.68 9.84 -23.65
CA GLU A 401 33.04 9.87 -23.12
C GLU A 401 33.25 11.03 -22.16
N ALA A 402 32.57 12.15 -22.39
CA ALA A 402 32.53 13.22 -21.39
C ALA A 402 31.19 13.92 -21.49
N PHE A 403 30.85 14.64 -20.43
CA PHE A 403 29.61 15.42 -20.44
C PHE A 403 29.65 16.49 -21.52
N SER A 404 28.51 16.67 -22.20
CA SER A 404 28.36 17.68 -23.23
C SER A 404 27.11 18.46 -22.89
N PRO A 405 27.17 19.79 -22.73
CA PRO A 405 25.92 20.55 -22.62
C PRO A 405 25.04 20.38 -23.85
N SER A 406 25.68 20.15 -25.01
CA SER A 406 24.97 19.81 -26.23
C SER A 406 24.10 18.57 -26.05
N LEU A 407 24.68 17.48 -25.56
CA LEU A 407 23.92 16.23 -25.43
C LEU A 407 22.79 16.40 -24.41
N LEU A 408 23.05 17.16 -23.35
CA LEU A 408 22.02 17.51 -22.39
C LEU A 408 20.86 18.26 -23.04
N ALA A 409 21.19 19.28 -23.85
CA ALA A 409 20.14 20.00 -24.58
C ALA A 409 19.35 19.09 -25.53
N ALA A 410 19.98 18.07 -26.11
CA ALA A 410 19.24 17.10 -26.91
C ALA A 410 18.33 16.19 -26.08
N LEU A 411 18.75 15.85 -24.86
CA LEU A 411 17.96 14.93 -24.02
C LEU A 411 16.86 15.63 -23.25
N GLU A 412 17.10 16.85 -22.79
CA GLU A 412 16.17 17.55 -21.91
C GLU A 412 15.81 18.90 -22.50
N PRO A 413 14.52 19.26 -22.57
CA PRO A 413 13.37 18.56 -21.97
C PRO A 413 12.77 17.39 -22.75
N HIS A 414 13.31 17.12 -23.95
CA HIS A 414 12.74 16.13 -24.86
C HIS A 414 12.29 14.84 -24.16
N VAL A 415 13.17 14.22 -23.36
CA VAL A 415 12.82 12.96 -22.70
C VAL A 415 11.63 13.13 -21.76
N TYR A 416 11.61 14.23 -21.01
CA TYR A 416 10.49 14.50 -20.10
C TYR A 416 9.19 14.77 -20.86
N GLU A 417 9.28 15.47 -22.00
CA GLU A 417 8.10 15.72 -22.82
C GLU A 417 7.56 14.43 -23.45
N TRP A 418 8.43 13.57 -23.96
CA TRP A 418 7.97 12.28 -24.45
C TRP A 418 7.22 11.51 -23.37
N THR A 419 7.82 11.38 -22.19
CA THR A 419 7.16 10.73 -21.07
C THR A 419 5.81 11.35 -20.75
N ALA A 420 5.76 12.68 -20.66
CA ALA A 420 4.49 13.36 -20.40
C ALA A 420 3.48 13.07 -21.49
N GLY A 421 3.93 13.04 -22.75
CA GLY A 421 3.03 12.64 -23.83
C GLY A 421 2.44 11.26 -23.66
N GLN A 422 3.09 10.38 -22.89
CA GLN A 422 2.55 9.08 -22.56
C GLN A 422 1.84 9.05 -21.21
N GLN A 423 1.60 10.22 -20.61
CA GLN A 423 1.09 10.32 -19.24
C GLN A 423 1.91 9.49 -18.26
N GLY A 424 3.24 9.53 -18.43
CA GLY A 424 4.13 8.67 -17.69
C GLY A 424 4.70 9.38 -16.48
N SER A 425 5.60 8.69 -15.78
CA SER A 425 6.30 9.27 -14.65
C SER A 425 7.75 9.53 -15.03
N VAL A 426 8.21 10.76 -14.78
CA VAL A 426 9.61 11.14 -14.97
C VAL A 426 10.52 10.66 -13.85
N SER A 427 9.98 10.03 -12.78
CA SER A 427 10.85 9.31 -11.83
C SER A 427 10.02 8.18 -11.22
N ALA A 428 10.13 7.01 -11.83
CA ALA A 428 9.35 5.84 -11.41
C ALA A 428 9.74 5.35 -10.03
N GLU A 429 11.03 5.33 -9.71
CA GLU A 429 11.58 4.63 -8.56
C GLU A 429 12.47 5.52 -7.69
N HIS A 430 13.45 6.14 -8.32
CA HIS A 430 14.57 6.76 -7.62
C HIS A 430 14.13 7.98 -6.82
N GLY A 431 13.01 8.59 -7.18
CA GLY A 431 12.48 9.72 -6.45
C GLY A 431 12.90 11.03 -7.08
N VAL A 432 12.93 12.06 -6.26
CA VAL A 432 13.04 13.42 -6.75
C VAL A 432 14.36 14.04 -6.33
N GLY A 433 14.60 14.14 -5.03
CA GLY A 433 15.82 14.67 -4.46
C GLY A 433 16.14 16.07 -4.94
N PHE A 434 17.43 16.31 -5.18
CA PHE A 434 17.91 17.56 -5.75
C PHE A 434 17.72 17.61 -7.26
N ARG A 435 18.06 16.52 -7.96
CA ARG A 435 18.10 16.50 -9.42
C ARG A 435 16.75 16.79 -10.08
N LYS A 436 15.64 16.27 -9.56
CA LYS A 436 14.40 16.30 -10.31
C LYS A 436 13.35 17.25 -9.73
N ARG A 437 13.73 18.10 -8.77
CA ARG A 437 12.75 18.95 -8.08
C ARG A 437 11.98 19.88 -9.03
N ASP A 438 12.58 20.31 -10.13
CA ASP A 438 11.92 21.24 -11.04
C ASP A 438 11.36 20.59 -12.31
N VAL A 439 11.26 19.26 -12.35
CA VAL A 439 10.63 18.61 -13.51
C VAL A 439 9.41 17.78 -13.10
N LEU A 440 8.86 17.99 -11.91
CA LEU A 440 7.71 17.21 -11.49
C LEU A 440 6.44 17.62 -12.24
N GLY A 441 6.41 18.83 -12.81
CA GLY A 441 5.27 19.27 -13.61
C GLY A 441 4.96 18.39 -14.80
N TYR A 442 5.93 17.57 -15.25
CA TYR A 442 5.63 16.62 -16.31
C TYR A 442 4.84 15.41 -15.82
N SER A 443 4.76 15.19 -14.50
CA SER A 443 3.95 14.11 -13.97
C SER A 443 2.88 14.52 -12.95
N LYS A 444 2.95 15.73 -12.40
CA LYS A 444 2.04 16.16 -11.33
C LYS A 444 1.48 17.53 -11.65
N PRO A 445 0.17 17.74 -11.47
CA PRO A 445 -0.42 19.06 -11.73
C PRO A 445 -0.13 20.04 -10.60
N PRO A 446 -0.25 21.34 -10.86
CA PRO A 446 0.13 22.35 -9.84
C PRO A 446 -0.63 22.27 -8.52
N GLY A 447 -1.91 21.87 -8.53
CA GLY A 447 -2.63 21.75 -7.28
C GLY A 447 -2.10 20.67 -6.36
N ALA A 448 -1.73 19.52 -6.94
CA ALA A 448 -1.03 18.49 -6.17
C ALA A 448 0.29 19.01 -5.59
N LEU A 449 1.15 19.58 -6.43
CA LEU A 449 2.43 20.09 -5.92
C LEU A 449 2.26 21.15 -4.85
N GLN A 450 1.20 21.95 -4.94
CA GLN A 450 0.91 22.97 -3.93
C GLN A 450 0.55 22.34 -2.58
N LEU A 451 -0.33 21.33 -2.58
CA LEU A 451 -0.66 20.66 -1.32
C LEU A 451 0.58 20.00 -0.70
N MET A 452 1.46 19.44 -1.53
CA MET A 452 2.72 18.89 -1.03
C MET A 452 3.49 19.96 -0.24
N GLN A 453 3.58 21.16 -0.80
CA GLN A 453 4.25 22.27 -0.13
C GLN A 453 3.55 22.65 1.18
N GLN A 454 2.21 22.58 1.20
CA GLN A 454 1.48 22.85 2.45
C GLN A 454 1.78 21.81 3.53
N LEU A 455 1.89 20.53 3.14
CA LEU A 455 2.26 19.52 4.14
C LEU A 455 3.68 19.73 4.66
N LYS A 456 4.61 20.06 3.76
CA LYS A 456 5.97 20.40 4.17
C LYS A 456 5.98 21.55 5.18
N ALA A 457 5.19 22.60 4.91
CA ALA A 457 5.11 23.74 5.81
C ALA A 457 4.50 23.39 7.16
N LEU A 458 3.53 22.47 7.19
CA LEU A 458 2.95 22.01 8.45
C LEU A 458 3.96 21.20 9.28
N LEU A 459 4.65 20.23 8.66
CA LEU A 459 5.51 19.32 9.42
C LEU A 459 6.88 19.91 9.73
N ASP A 460 7.38 20.83 8.89
CA ASP A 460 8.72 21.39 9.06
C ASP A 460 8.67 22.85 8.60
N PRO A 461 8.01 23.71 9.39
CA PRO A 461 7.86 25.13 8.98
C PRO A 461 9.17 25.87 8.76
N LYS A 462 10.23 25.53 9.50
CA LYS A 462 11.52 26.16 9.30
C LYS A 462 12.27 25.61 8.09
N GLY A 463 11.83 24.48 7.55
CA GLY A 463 12.50 23.89 6.39
C GLY A 463 13.91 23.42 6.69
N ILE A 464 14.16 22.99 7.92
CA ILE A 464 15.52 22.56 8.27
C ILE A 464 15.84 21.17 7.74
N LEU A 465 14.84 20.32 7.50
CA LEU A 465 15.08 18.96 7.01
C LEU A 465 15.21 18.93 5.49
N ASN A 466 16.41 18.57 5.01
CA ASN A 466 16.70 18.39 3.60
C ASN A 466 16.24 19.56 2.72
N PRO A 467 16.77 20.77 2.95
CA PRO A 467 16.46 21.89 2.05
C PRO A 467 16.94 21.63 0.63
N TYR A 468 16.36 22.38 -0.31
CA TYR A 468 16.74 22.32 -1.72
C TYR A 468 16.33 21.03 -2.40
N LYS A 469 15.53 20.15 -1.77
CA LYS A 469 15.11 18.98 -2.53
C LYS A 469 13.62 18.63 -2.39
N THR A 470 13.25 17.62 -3.18
CA THR A 470 11.97 16.95 -3.29
C THR A 470 10.83 17.83 -3.79
N LEU A 471 10.67 19.04 -3.27
CA LEU A 471 9.60 19.84 -3.83
C LEU A 471 10.12 20.97 -4.71
N PRO A 472 9.28 21.48 -5.61
CA PRO A 472 9.73 22.54 -6.52
C PRO A 472 10.23 23.76 -5.76
N SER A 473 11.09 24.53 -6.42
CA SER A 473 11.72 25.70 -5.80
C SER A 473 10.70 26.79 -5.44
N PRO B 7 -23.98 13.23 25.45
CA PRO B 7 -24.78 13.73 24.33
C PRO B 7 -24.02 14.73 23.47
N VAL B 8 -23.92 14.49 22.16
CA VAL B 8 -23.14 15.39 21.32
C VAL B 8 -23.97 16.62 20.98
N ARG B 9 -23.27 17.75 20.82
CA ARG B 9 -23.88 19.06 20.59
C ARG B 9 -23.65 19.48 19.15
N ARG B 10 -24.71 19.96 18.49
CA ARG B 10 -24.56 20.46 17.12
C ARG B 10 -23.61 21.64 17.07
N LEU B 11 -22.60 21.57 16.20
CA LEU B 11 -21.68 22.68 16.01
C LEU B 11 -22.39 23.81 15.25
N PRO B 12 -21.88 25.05 15.33
CA PRO B 12 -22.64 26.19 14.78
C PRO B 12 -22.56 26.35 13.25
N PHE B 13 -22.98 25.31 12.54
CA PHE B 13 -23.10 25.41 11.09
C PHE B 13 -24.39 26.16 10.76
N SER B 14 -24.43 26.74 9.56
CA SER B 14 -25.69 27.29 9.07
C SER B 14 -26.68 26.17 8.75
N THR B 15 -27.85 26.54 8.23
CA THR B 15 -28.88 25.60 7.82
C THR B 15 -29.23 25.83 6.36
N VAL B 16 -29.82 24.81 5.74
CA VAL B 16 -30.18 24.88 4.32
C VAL B 16 -31.43 25.73 4.14
N SER B 17 -31.31 26.80 3.36
CA SER B 17 -32.44 27.66 3.01
C SER B 17 -33.02 27.28 1.65
N LYS B 18 -34.16 27.92 1.32
CA LYS B 18 -34.72 27.84 -0.02
C LYS B 18 -33.73 28.36 -1.07
N GLN B 19 -32.93 29.37 -0.69
CA GLN B 19 -31.93 29.89 -1.62
C GLN B 19 -30.82 28.87 -1.86
N ASP B 20 -30.44 28.12 -0.82
CA ASP B 20 -29.48 27.02 -1.00
C ASP B 20 -30.06 25.93 -1.90
N LEU B 21 -31.33 25.59 -1.70
CA LEU B 21 -31.97 24.58 -2.53
C LEU B 21 -31.99 24.99 -4.00
N ALA B 22 -32.24 26.28 -4.29
CA ALA B 22 -32.19 26.75 -5.67
C ALA B 22 -30.77 26.72 -6.23
N ALA B 23 -29.78 27.05 -5.40
CA ALA B 23 -28.38 26.88 -5.80
C ALA B 23 -28.06 25.42 -6.14
N PHE B 24 -28.49 24.47 -5.31
CA PHE B 24 -28.24 23.07 -5.63
C PHE B 24 -29.00 22.61 -6.88
N GLU B 25 -30.21 23.10 -7.11
CA GLU B 25 -30.94 22.72 -8.31
C GLU B 25 -30.22 23.22 -9.56
N ARG B 26 -29.61 24.42 -9.49
CA ARG B 26 -28.76 24.91 -10.56
C ARG B 26 -27.53 24.02 -10.78
N ILE B 27 -26.86 23.63 -9.68
CA ILE B 27 -25.59 22.92 -9.79
C ILE B 27 -25.81 21.48 -10.25
N VAL B 28 -26.82 20.81 -9.71
CA VAL B 28 -27.17 19.45 -10.15
C VAL B 28 -28.64 19.37 -10.51
N PRO B 29 -29.00 19.74 -11.74
CA PRO B 29 -30.41 19.68 -12.15
C PRO B 29 -30.95 18.26 -12.01
N GLY B 30 -32.08 18.14 -11.32
CA GLY B 30 -32.67 16.83 -11.11
C GLY B 30 -31.97 15.96 -10.08
N GLY B 31 -31.02 16.50 -9.32
CA GLY B 31 -30.28 15.70 -8.36
C GLY B 31 -30.48 16.17 -6.92
N VAL B 32 -31.58 16.87 -6.65
CA VAL B 32 -31.89 17.40 -5.32
C VAL B 32 -33.14 16.72 -4.80
N VAL B 33 -33.01 16.00 -3.69
CA VAL B 33 -34.14 15.31 -3.05
C VAL B 33 -34.41 15.96 -1.70
N THR B 34 -35.63 16.51 -1.53
CA THR B 34 -36.05 17.17 -0.30
C THR B 34 -37.25 16.54 0.40
N ASP B 35 -37.96 15.62 -0.24
CA ASP B 35 -39.15 15.04 0.37
C ASP B 35 -38.79 14.32 1.67
N PRO B 36 -39.42 14.69 2.81
CA PRO B 36 -39.05 14.07 4.10
C PRO B 36 -39.16 12.56 4.13
N GLU B 37 -40.17 11.99 3.48
CA GLU B 37 -40.29 10.54 3.43
C GLU B 37 -39.20 9.89 2.59
N ALA B 38 -38.74 10.57 1.54
CA ALA B 38 -37.60 10.10 0.77
C ALA B 38 -36.28 10.21 1.53
N LEU B 39 -36.13 11.22 2.40
CA LEU B 39 -34.91 11.33 3.19
C LEU B 39 -34.84 10.37 4.38
N GLN B 40 -35.90 9.64 4.70
CA GLN B 40 -35.83 8.69 5.81
C GLN B 40 -34.69 7.69 5.62
N ALA B 41 -34.72 6.93 4.53
CA ALA B 41 -33.76 5.83 4.36
C ALA B 41 -32.31 6.30 4.34
N PRO B 42 -31.90 7.29 3.54
CA PRO B 42 -30.48 7.72 3.59
C PRO B 42 -30.05 8.31 4.92
N ASN B 43 -30.99 8.69 5.80
CA ASN B 43 -30.67 9.16 7.14
C ASN B 43 -30.42 8.03 8.14
N VAL B 44 -30.75 6.79 7.81
CA VAL B 44 -30.61 5.67 8.75
C VAL B 44 -29.43 4.82 8.31
N ASP B 45 -28.57 4.46 9.29
CA ASP B 45 -27.41 3.61 9.03
C ASP B 45 -27.83 2.17 8.74
N TRP B 46 -26.85 1.38 8.28
CA TRP B 46 -27.14 -0.01 7.90
C TRP B 46 -27.68 -0.83 9.06
N LEU B 47 -27.19 -0.61 10.27
CA LEU B 47 -27.67 -1.34 11.44
C LEU B 47 -29.04 -0.87 11.93
N ARG B 48 -29.53 0.28 11.46
CA ARG B 48 -30.84 0.86 11.83
C ARG B 48 -30.90 1.29 13.29
N THR B 49 -29.78 1.70 13.86
CA THR B 49 -29.73 2.17 15.23
C THR B 49 -29.31 3.64 15.28
N LEU B 50 -29.07 4.28 14.14
CA LEU B 50 -28.80 5.70 14.06
C LEU B 50 -29.69 6.35 13.01
N ARG B 51 -30.22 7.53 13.33
CA ARG B 51 -31.07 8.29 12.42
C ARG B 51 -30.59 9.73 12.44
N GLY B 52 -30.30 10.28 11.25
CA GLY B 52 -30.00 11.68 11.10
C GLY B 52 -31.24 12.51 10.84
N CYS B 53 -31.03 13.84 10.82
CA CYS B 53 -32.08 14.82 10.55
C CYS B 53 -31.76 15.66 9.32
N SER B 54 -31.09 15.08 8.33
CA SER B 54 -30.80 15.80 7.11
C SER B 54 -32.08 16.14 6.35
N LYS B 55 -32.13 17.36 5.80
CA LYS B 55 -33.27 17.79 5.01
C LYS B 55 -32.95 17.90 3.53
N VAL B 56 -31.75 17.51 3.09
CA VAL B 56 -31.46 17.53 1.66
C VAL B 56 -30.47 16.42 1.29
N LEU B 57 -30.80 15.69 0.23
CA LEU B 57 -29.94 14.69 -0.38
C LEU B 57 -29.57 15.22 -1.76
N LEU B 58 -28.27 15.32 -2.03
CA LEU B 58 -27.76 15.72 -3.34
C LEU B 58 -27.14 14.53 -4.03
N ARG B 59 -27.47 14.35 -5.32
CA ARG B 59 -26.96 13.23 -6.09
C ARG B 59 -26.29 13.65 -7.39
N PRO B 60 -25.10 14.25 -7.30
CA PRO B 60 -24.37 14.71 -8.49
C PRO B 60 -23.97 13.55 -9.40
N ARG B 61 -23.75 13.89 -10.68
CA ARG B 61 -23.20 12.94 -11.64
C ARG B 61 -21.71 13.12 -11.91
N THR B 62 -21.15 14.30 -11.69
CA THR B 62 -19.80 14.58 -12.16
C THR B 62 -18.95 15.18 -11.06
N SER B 63 -17.63 15.13 -11.27
CA SER B 63 -16.69 15.71 -10.33
C SER B 63 -16.87 17.22 -10.23
N GLU B 64 -17.14 17.88 -11.37
CA GLU B 64 -17.36 19.32 -11.35
C GLU B 64 -18.56 19.70 -10.49
N GLU B 65 -19.63 18.92 -10.56
CA GLU B 65 -20.81 19.15 -9.72
C GLU B 65 -20.48 19.02 -8.23
N VAL B 66 -19.63 18.05 -7.87
CA VAL B 66 -19.23 17.87 -6.47
C VAL B 66 -18.42 19.09 -6.03
N SER B 67 -17.47 19.53 -6.88
CA SER B 67 -16.72 20.75 -6.64
C SER B 67 -17.61 21.96 -6.38
N HIS B 68 -18.61 22.19 -7.24
CA HIS B 68 -19.48 23.34 -7.07
C HIS B 68 -20.34 23.25 -5.81
N ILE B 69 -20.87 22.06 -5.53
CA ILE B 69 -21.62 21.86 -4.29
C ILE B 69 -20.77 22.23 -3.09
N LEU B 70 -19.54 21.69 -3.00
CA LEU B 70 -18.70 21.96 -1.84
C LEU B 70 -18.24 23.42 -1.78
N ARG B 71 -17.97 24.02 -2.94
CA ARG B 71 -17.68 25.46 -2.99
C ARG B 71 -18.79 26.26 -2.32
N HIS B 72 -20.04 25.96 -2.70
CA HIS B 72 -21.20 26.62 -2.11
C HIS B 72 -21.30 26.38 -0.61
N CYS B 73 -21.21 25.11 -0.19
CA CYS B 73 -21.26 24.75 1.23
C CYS B 73 -20.14 25.41 2.03
N HIS B 74 -18.95 25.55 1.44
CA HIS B 74 -17.86 26.22 2.13
C HIS B 74 -18.15 27.71 2.35
N GLU B 75 -18.61 28.40 1.31
CA GLU B 75 -18.99 29.81 1.45
C GLU B 75 -20.11 30.00 2.48
N ARG B 76 -21.11 29.12 2.49
CA ARG B 76 -22.28 29.23 3.34
C ARG B 76 -22.08 28.62 4.73
N ASN B 77 -20.98 27.91 4.97
CA ASN B 77 -20.74 27.18 6.23
C ASN B 77 -21.79 26.10 6.47
N LEU B 78 -22.06 25.31 5.43
CA LEU B 78 -22.98 24.17 5.52
C LEU B 78 -22.20 22.85 5.61
N ALA B 79 -22.51 22.05 6.63
CA ALA B 79 -21.89 20.74 6.84
C ALA B 79 -22.40 19.71 5.82
N VAL B 80 -21.50 18.80 5.43
CA VAL B 80 -21.76 17.81 4.38
C VAL B 80 -21.40 16.41 4.88
N ASN B 81 -22.31 15.46 4.62
CA ASN B 81 -22.13 14.05 4.98
C ASN B 81 -21.98 13.25 3.69
N PRO B 82 -20.77 12.90 3.25
CA PRO B 82 -20.62 12.01 2.10
C PRO B 82 -21.23 10.64 2.37
N GLN B 83 -21.81 10.05 1.33
CA GLN B 83 -22.41 8.72 1.46
C GLN B 83 -22.21 7.93 0.18
N GLY B 84 -21.78 6.69 0.33
CA GLY B 84 -21.74 5.77 -0.79
C GLY B 84 -22.89 4.77 -0.74
N GLY B 85 -22.56 3.49 -0.60
CA GLY B 85 -23.56 2.46 -0.48
C GLY B 85 -24.29 2.43 0.84
N ASN B 86 -23.86 3.23 1.82
CA ASN B 86 -24.44 3.25 3.17
C ASN B 86 -24.44 1.86 3.83
N THR B 87 -23.35 1.10 3.62
CA THR B 87 -23.18 -0.19 4.29
C THR B 87 -22.22 -0.11 5.46
N GLY B 88 -21.65 1.07 5.72
CA GLY B 88 -20.73 1.24 6.84
C GLY B 88 -21.37 0.87 8.17
N MET B 89 -20.52 0.41 9.10
CA MET B 89 -20.95 -0.19 10.36
C MET B 89 -20.71 0.69 11.59
N VAL B 90 -20.14 1.88 11.44
CA VAL B 90 -19.65 2.66 12.58
C VAL B 90 -20.28 4.06 12.63
N GLY B 91 -21.47 4.24 12.04
CA GLY B 91 -22.14 5.51 12.03
C GLY B 91 -21.53 6.62 11.22
N GLY B 92 -20.52 6.34 10.39
CA GLY B 92 -19.89 7.38 9.59
C GLY B 92 -20.71 7.82 8.39
N SER B 93 -21.72 7.04 8.02
CA SER B 93 -22.37 7.17 6.72
C SER B 93 -23.63 8.02 6.75
N VAL B 94 -24.15 8.34 7.93
CA VAL B 94 -25.39 9.13 8.02
C VAL B 94 -25.13 10.34 8.90
N PRO B 95 -25.92 11.39 8.71
CA PRO B 95 -25.75 12.62 9.52
C PRO B 95 -26.07 12.38 10.98
N VAL B 96 -25.47 13.23 11.81
CA VAL B 96 -25.80 13.28 13.23
C VAL B 96 -26.95 14.25 13.45
N PHE B 97 -26.84 15.45 12.88
CA PHE B 97 -27.89 16.46 12.89
C PHE B 97 -28.43 16.67 11.48
N ASP B 98 -28.18 17.82 10.87
CA ASP B 98 -28.81 18.18 9.61
C ASP B 98 -27.77 18.39 8.50
N GLU B 99 -26.67 17.63 8.54
CA GLU B 99 -25.66 17.72 7.49
C GLU B 99 -26.26 17.31 6.15
N ILE B 100 -25.85 18.00 5.09
CA ILE B 100 -26.30 17.68 3.75
C ILE B 100 -25.76 16.31 3.37
N ILE B 101 -26.63 15.43 2.86
CA ILE B 101 -26.17 14.12 2.41
C ILE B 101 -25.73 14.26 0.95
N LEU B 102 -24.42 14.09 0.70
CA LEU B 102 -23.88 14.11 -0.66
C LEU B 102 -23.62 12.68 -1.12
N SER B 103 -24.49 12.15 -1.98
CA SER B 103 -24.47 10.75 -2.38
C SER B 103 -23.72 10.56 -3.69
N THR B 104 -22.93 9.48 -3.79
CA THR B 104 -22.26 9.12 -5.03
C THR B 104 -23.05 8.13 -5.90
N ALA B 105 -24.32 7.85 -5.56
CA ALA B 105 -25.11 6.86 -6.30
C ALA B 105 -25.13 7.07 -7.81
N ARG B 106 -25.10 8.31 -8.28
CA ARG B 106 -25.17 8.56 -9.72
C ARG B 106 -23.81 8.82 -10.35
N MET B 107 -22.74 8.67 -9.60
CA MET B 107 -21.37 8.76 -10.15
C MET B 107 -20.87 7.33 -10.34
N ASN B 108 -21.46 6.68 -11.35
CA ASN B 108 -21.35 5.23 -11.50
C ASN B 108 -20.84 4.80 -12.87
N ARG B 109 -19.99 5.61 -13.48
CA ARG B 109 -19.47 5.34 -14.81
C ARG B 109 -18.05 4.81 -14.71
N VAL B 110 -17.71 3.88 -15.59
CA VAL B 110 -16.34 3.44 -15.77
C VAL B 110 -15.72 4.36 -16.81
N LEU B 111 -14.55 4.93 -16.48
CA LEU B 111 -13.81 5.79 -17.39
C LEU B 111 -12.94 5.02 -18.37
N SER B 112 -12.18 4.04 -17.89
CA SER B 112 -11.30 3.28 -18.77
C SER B 112 -10.87 2.00 -18.09
N PHE B 113 -10.49 1.02 -18.92
CA PHE B 113 -9.92 -0.23 -18.44
C PHE B 113 -8.86 -0.68 -19.42
N HIS B 114 -7.64 -0.88 -18.94
CA HIS B 114 -6.53 -1.28 -19.78
C HIS B 114 -6.38 -2.81 -19.68
N SER B 115 -6.62 -3.50 -20.78
CA SER B 115 -6.71 -4.95 -20.81
C SER B 115 -5.36 -5.65 -20.72
N VAL B 116 -4.26 -4.90 -20.57
CA VAL B 116 -2.95 -5.50 -20.36
C VAL B 116 -2.44 -5.22 -18.95
N SER B 117 -2.40 -3.95 -18.54
CA SER B 117 -2.00 -3.60 -17.19
C SER B 117 -3.02 -4.00 -16.14
N GLY B 118 -4.30 -4.15 -16.51
CA GLY B 118 -5.35 -4.46 -15.55
C GLY B 118 -5.73 -3.26 -14.70
N ILE B 119 -5.47 -2.06 -15.19
CA ILE B 119 -5.77 -0.82 -14.49
C ILE B 119 -7.19 -0.36 -14.80
N LEU B 120 -8.00 -0.27 -13.76
CA LEU B 120 -9.36 0.24 -13.85
C LEU B 120 -9.38 1.68 -13.37
N VAL B 121 -10.11 2.53 -14.11
CA VAL B 121 -10.41 3.89 -13.65
C VAL B 121 -11.92 4.08 -13.76
N CYS B 122 -12.53 4.47 -12.65
CA CYS B 122 -13.98 4.55 -12.56
C CYS B 122 -14.39 5.60 -11.52
N GLN B 123 -15.63 6.05 -11.62
CA GLN B 123 -16.21 6.97 -10.65
C GLN B 123 -16.46 6.30 -9.30
N ALA B 124 -16.41 7.11 -8.24
CA ALA B 124 -16.52 6.64 -6.86
C ALA B 124 -17.81 5.87 -6.57
N GLY B 125 -18.91 6.17 -7.24
CA GLY B 125 -20.16 5.51 -6.96
C GLY B 125 -20.43 4.20 -7.70
N CYS B 126 -19.49 3.69 -8.47
CA CYS B 126 -19.63 2.35 -9.04
C CYS B 126 -19.72 1.30 -7.93
N VAL B 127 -20.72 0.43 -8.04
CA VAL B 127 -20.99 -0.60 -7.05
C VAL B 127 -19.99 -1.73 -7.22
N LEU B 128 -19.41 -2.18 -6.11
CA LEU B 128 -18.32 -3.16 -6.16
C LEU B 128 -18.70 -4.39 -7.01
N GLU B 129 -19.89 -4.95 -6.79
CA GLU B 129 -20.27 -6.16 -7.53
C GLU B 129 -20.36 -5.87 -9.02
N GLU B 130 -20.78 -4.67 -9.39
CA GLU B 130 -20.87 -4.32 -10.81
C GLU B 130 -19.49 -4.14 -11.43
N LEU B 131 -18.54 -3.56 -10.69
CA LEU B 131 -17.17 -3.51 -11.16
C LEU B 131 -16.55 -4.91 -11.30
N SER B 132 -16.87 -5.83 -10.38
CA SER B 132 -16.37 -7.19 -10.51
C SER B 132 -16.91 -7.85 -11.78
N ARG B 133 -18.20 -7.71 -12.06
CA ARG B 133 -18.75 -8.24 -13.29
C ARG B 133 -18.08 -7.63 -14.51
N TYR B 134 -17.83 -6.32 -14.48
CA TYR B 134 -17.21 -5.66 -15.61
C TYR B 134 -15.79 -6.17 -15.88
N VAL B 135 -14.94 -6.20 -14.84
CA VAL B 135 -13.58 -6.64 -15.09
C VAL B 135 -13.49 -8.15 -15.35
N GLU B 136 -14.33 -8.96 -14.72
CA GLU B 136 -14.31 -10.42 -14.96
C GLU B 136 -14.67 -10.78 -16.39
N GLU B 137 -15.61 -10.06 -17.00
CA GLU B 137 -15.87 -10.18 -18.43
C GLU B 137 -14.60 -10.00 -19.25
N ARG B 138 -13.64 -9.21 -18.76
CA ARG B 138 -12.36 -9.00 -19.40
C ARG B 138 -11.21 -9.80 -18.77
N ASP B 139 -11.52 -10.85 -17.98
CA ASP B 139 -10.53 -11.76 -17.36
C ASP B 139 -9.65 -11.08 -16.32
N PHE B 140 -10.21 -10.13 -15.59
CA PHE B 140 -9.56 -9.61 -14.41
C PHE B 140 -10.52 -9.73 -13.23
N ILE B 141 -10.02 -9.46 -12.02
CA ILE B 141 -10.87 -9.44 -10.83
C ILE B 141 -10.56 -8.16 -10.07
N MET B 142 -11.49 -7.79 -9.20
CA MET B 142 -11.23 -6.70 -8.26
C MET B 142 -10.27 -7.19 -7.18
N PRO B 143 -9.33 -6.35 -6.73
CA PRO B 143 -8.40 -6.78 -5.68
C PRO B 143 -9.04 -6.94 -4.32
N LEU B 144 -10.34 -6.62 -4.17
CA LEU B 144 -11.05 -6.79 -2.92
C LEU B 144 -12.46 -7.32 -3.18
N ASP B 145 -13.00 -7.98 -2.17
CA ASP B 145 -14.37 -8.47 -2.17
C ASP B 145 -14.86 -8.45 -0.74
N LEU B 146 -16.16 -8.22 -0.57
CA LEU B 146 -16.77 -8.25 0.75
C LEU B 146 -18.26 -8.54 0.63
N GLY B 147 -18.83 -8.99 1.75
CA GLY B 147 -20.24 -9.36 1.80
C GLY B 147 -21.20 -8.27 1.37
N ALA B 148 -20.79 -7.00 1.51
CA ALA B 148 -21.57 -5.84 1.07
C ALA B 148 -21.46 -5.53 -0.42
N LYS B 149 -20.73 -6.36 -1.19
CA LYS B 149 -20.42 -6.08 -2.60
C LYS B 149 -21.63 -5.61 -3.40
N GLY B 150 -22.82 -6.15 -3.12
CA GLY B 150 -23.99 -5.76 -3.87
C GLY B 150 -24.42 -4.32 -3.70
N SER B 151 -23.95 -3.64 -2.65
CA SER B 151 -24.39 -2.28 -2.37
C SER B 151 -23.28 -1.25 -2.19
N CYS B 152 -22.11 -1.67 -1.70
CA CYS B 152 -21.06 -0.72 -1.35
C CYS B 152 -20.46 -0.11 -2.62
N HIS B 153 -20.03 1.15 -2.52
CA HIS B 153 -19.41 1.87 -3.63
C HIS B 153 -17.88 1.82 -3.50
N ILE B 154 -17.19 1.77 -4.65
CA ILE B 154 -15.73 1.75 -4.63
C ILE B 154 -15.18 2.95 -3.87
N GLY B 155 -15.82 4.11 -3.99
CA GLY B 155 -15.40 5.28 -3.22
C GLY B 155 -15.52 5.10 -1.71
N GLY B 156 -16.61 4.46 -1.28
CA GLY B 156 -16.76 4.07 0.12
C GLY B 156 -15.69 3.11 0.59
N ASN B 157 -15.39 2.08 -0.22
CA ASN B 157 -14.33 1.13 0.13
C ASN B 157 -12.99 1.80 0.35
N VAL B 158 -12.61 2.71 -0.55
CA VAL B 158 -11.38 3.47 -0.40
C VAL B 158 -11.44 4.38 0.83
N ALA B 159 -12.56 5.07 1.04
CA ALA B 159 -12.66 5.99 2.17
C ALA B 159 -12.54 5.27 3.51
N THR B 160 -13.07 4.05 3.61
CA THR B 160 -12.99 3.26 4.83
C THR B 160 -11.74 2.39 4.89
N ASN B 161 -10.97 2.33 3.79
CA ASN B 161 -9.86 1.39 3.62
C ASN B 161 -10.30 -0.05 3.89
N ALA B 162 -11.36 -0.46 3.17
CA ALA B 162 -11.97 -1.77 3.37
C ALA B 162 -10.96 -2.90 3.18
N GLY B 163 -11.05 -3.90 4.07
CA GLY B 163 -10.23 -5.10 4.00
C GLY B 163 -10.90 -6.15 3.13
N GLY B 164 -11.56 -7.11 3.76
CA GLY B 164 -12.38 -8.08 3.06
C GLY B 164 -11.76 -9.44 2.87
N LEU B 165 -12.40 -10.21 1.98
CA LEU B 165 -12.28 -11.66 1.92
C LEU B 165 -11.07 -12.17 1.13
N ARG B 166 -10.41 -11.30 0.36
CA ARG B 166 -9.24 -11.70 -0.42
C ARG B 166 -8.03 -10.82 -0.08
N PHE B 167 -8.10 -10.14 1.07
CA PHE B 167 -7.03 -9.28 1.55
C PHE B 167 -5.73 -10.05 1.73
N LEU B 168 -5.82 -11.25 2.29
CA LEU B 168 -4.66 -12.13 2.48
C LEU B 168 -3.85 -12.33 1.20
N ARG B 169 -4.51 -12.33 0.04
CA ARG B 169 -3.83 -12.53 -1.23
C ARG B 169 -3.41 -11.22 -1.91
N TYR B 170 -4.31 -10.23 -1.99
CA TYR B 170 -4.03 -9.02 -2.75
C TYR B 170 -3.66 -7.81 -1.90
N GLY B 171 -3.82 -7.88 -0.57
CA GLY B 171 -3.37 -6.81 0.30
C GLY B 171 -4.26 -5.59 0.34
N SER B 172 -3.72 -4.54 0.95
CA SER B 172 -4.43 -3.31 1.26
C SER B 172 -4.73 -2.47 0.02
N LEU B 173 -5.81 -1.68 0.12
CA LEU B 173 -6.07 -0.61 -0.84
C LEU B 173 -4.93 0.41 -0.88
N HIS B 174 -4.22 0.58 0.23
CA HIS B 174 -3.01 1.39 0.24
C HIS B 174 -1.99 0.91 -0.79
N GLY B 175 -2.02 -0.37 -1.14
CA GLY B 175 -1.21 -0.90 -2.23
C GLY B 175 -1.86 -0.96 -3.61
N THR B 176 -3.15 -1.26 -3.68
CA THR B 176 -3.83 -1.52 -4.95
C THR B 176 -4.45 -0.27 -5.58
N VAL B 177 -4.72 0.78 -4.81
CA VAL B 177 -5.17 2.04 -5.39
C VAL B 177 -3.98 2.73 -6.06
N LEU B 178 -4.11 2.98 -7.36
CA LEU B 178 -3.07 3.67 -8.11
C LEU B 178 -3.25 5.18 -8.12
N GLY B 179 -4.48 5.67 -8.00
CA GLY B 179 -4.73 7.09 -8.03
C GLY B 179 -6.13 7.43 -7.59
N LEU B 180 -6.30 8.69 -7.17
CA LEU B 180 -7.60 9.20 -6.75
C LEU B 180 -7.79 10.61 -7.27
N GLU B 181 -9.02 10.92 -7.65
CA GLU B 181 -9.49 12.29 -7.76
C GLU B 181 -10.32 12.61 -6.53
N VAL B 182 -10.00 13.70 -5.86
CA VAL B 182 -10.62 14.10 -4.60
C VAL B 182 -11.02 15.57 -4.64
N VAL B 183 -12.26 15.86 -4.22
CA VAL B 183 -12.72 17.24 -4.06
C VAL B 183 -12.56 17.62 -2.60
N LEU B 184 -11.83 18.70 -2.36
CA LEU B 184 -11.58 19.20 -1.02
C LEU B 184 -12.75 20.06 -0.54
N ALA B 185 -12.73 20.39 0.75
CA ALA B 185 -13.85 21.06 1.41
C ALA B 185 -14.22 22.39 0.75
N ASP B 186 -13.22 23.14 0.27
CA ASP B 186 -13.50 24.40 -0.43
C ASP B 186 -13.85 24.20 -1.89
N GLY B 187 -13.94 22.96 -2.37
CA GLY B 187 -14.29 22.67 -3.75
C GLY B 187 -13.11 22.52 -4.69
N THR B 188 -11.89 22.68 -4.19
CA THR B 188 -10.69 22.38 -4.96
C THR B 188 -10.66 20.92 -5.40
N VAL B 189 -10.48 20.72 -6.71
CA VAL B 189 -10.36 19.38 -7.29
C VAL B 189 -8.89 19.00 -7.21
N LEU B 190 -8.58 18.03 -6.35
CA LEU B 190 -7.22 17.50 -6.23
C LEU B 190 -7.08 16.34 -7.20
N ASP B 191 -6.23 16.52 -8.21
CA ASP B 191 -6.00 15.51 -9.23
C ASP B 191 -4.77 14.67 -8.88
N CYS B 192 -5.00 13.50 -8.26
CA CYS B 192 -3.96 12.49 -8.04
C CYS B 192 -4.26 11.22 -8.82
N LEU B 193 -4.86 11.36 -10.00
CA LEU B 193 -5.41 10.23 -10.77
C LEU B 193 -4.32 9.69 -11.71
N THR B 194 -3.30 9.14 -11.07
CA THR B 194 -2.08 8.60 -11.68
C THR B 194 -2.23 7.12 -12.01
N SER B 195 -2.80 6.81 -13.17
CA SER B 195 -2.97 5.38 -13.47
C SER B 195 -1.65 4.73 -13.85
N LEU B 196 -0.64 4.75 -12.96
CA LEU B 196 0.66 4.14 -13.22
C LEU B 196 1.00 3.18 -12.09
N ARG B 197 1.62 2.03 -12.43
CA ARG B 197 2.05 1.07 -11.42
C ARG B 197 3.08 1.67 -10.47
N LYS B 198 4.01 2.46 -10.99
CA LYS B 198 5.06 3.08 -10.18
C LYS B 198 5.22 4.55 -10.54
N ASP B 199 5.42 5.37 -9.51
CA ASP B 199 5.54 6.81 -9.68
C ASP B 199 6.02 7.47 -8.39
N ASN B 200 7.33 7.74 -8.28
CA ASN B 200 7.86 8.40 -7.08
C ASN B 200 8.19 9.87 -7.35
N THR B 201 7.19 10.61 -7.82
CA THR B 201 7.35 12.05 -8.09
C THR B 201 6.66 12.86 -7.00
N GLY B 202 7.25 12.86 -5.81
CA GLY B 202 6.77 13.60 -4.66
C GLY B 202 5.96 12.76 -3.70
N TYR B 203 5.27 13.47 -2.80
CA TYR B 203 4.52 12.82 -1.73
C TYR B 203 3.32 12.05 -2.29
N ASP B 204 3.02 10.91 -1.66
CA ASP B 204 1.92 10.05 -2.08
C ASP B 204 0.63 10.60 -1.45
N LEU B 205 0.16 11.72 -2.01
CA LEU B 205 -0.94 12.46 -1.41
C LEU B 205 -2.22 11.63 -1.31
N LYS B 206 -2.44 10.75 -2.28
CA LYS B 206 -3.65 9.93 -2.30
C LYS B 206 -3.79 9.09 -1.04
N GLN B 207 -2.66 8.71 -0.44
CA GLN B 207 -2.69 7.87 0.76
C GLN B 207 -3.47 8.53 1.90
N LEU B 208 -3.42 9.86 1.99
CA LEU B 208 -4.16 10.57 3.04
C LEU B 208 -5.65 10.31 2.98
N PHE B 209 -6.19 10.08 1.79
CA PHE B 209 -7.62 9.90 1.61
C PHE B 209 -8.07 8.45 1.72
N ILE B 210 -7.13 7.51 1.76
CA ILE B 210 -7.45 6.11 1.97
C ILE B 210 -7.59 5.89 3.48
N GLY B 211 -8.80 5.57 3.93
CA GLY B 211 -9.05 5.40 5.35
C GLY B 211 -9.39 6.67 6.09
N SER B 212 -9.55 7.80 5.39
CA SER B 212 -9.87 9.08 6.02
C SER B 212 -11.38 9.30 6.15
N GLU B 213 -12.20 8.39 5.61
CA GLU B 213 -13.64 8.31 5.89
C GLU B 213 -14.38 9.62 5.60
N GLY B 214 -13.99 10.29 4.52
CA GLY B 214 -14.67 11.49 4.11
C GLY B 214 -14.50 12.70 5.00
N THR B 215 -13.51 12.70 5.88
CA THR B 215 -13.24 13.86 6.72
C THR B 215 -12.19 14.80 6.12
N LEU B 216 -11.48 14.37 5.07
CA LEU B 216 -10.46 15.20 4.43
C LEU B 216 -10.79 15.57 2.99
N GLY B 217 -11.77 14.92 2.38
CA GLY B 217 -12.19 15.24 1.04
C GLY B 217 -13.09 14.15 0.54
N ILE B 218 -13.75 14.41 -0.59
CA ILE B 218 -14.69 13.47 -1.18
C ILE B 218 -14.03 12.86 -2.41
N ILE B 219 -13.90 11.53 -2.40
CA ILE B 219 -13.33 10.80 -3.52
C ILE B 219 -14.35 10.76 -4.64
N THR B 220 -13.95 11.19 -5.83
CA THR B 220 -14.85 11.19 -6.99
C THR B 220 -14.46 10.23 -8.10
N THR B 221 -13.17 9.92 -8.26
CA THR B 221 -12.69 8.97 -9.25
C THR B 221 -11.60 8.12 -8.63
N VAL B 222 -11.56 6.85 -8.98
CA VAL B 222 -10.59 5.91 -8.44
C VAL B 222 -9.87 5.22 -9.59
N SER B 223 -8.56 5.08 -9.47
CA SER B 223 -7.75 4.25 -10.35
C SER B 223 -7.24 3.10 -9.49
N ILE B 224 -7.51 1.86 -9.90
CA ILE B 224 -7.24 0.68 -9.08
C ILE B 224 -6.64 -0.46 -9.92
N LEU B 225 -5.65 -1.16 -9.35
CA LEU B 225 -5.01 -2.29 -10.00
C LEU B 225 -5.82 -3.59 -9.82
N CYS B 226 -6.26 -4.19 -10.93
CA CYS B 226 -7.09 -5.39 -10.89
C CYS B 226 -6.22 -6.61 -11.18
N PRO B 227 -6.12 -7.58 -10.27
CA PRO B 227 -5.36 -8.80 -10.57
C PRO B 227 -5.97 -9.56 -11.74
N PRO B 228 -5.19 -10.37 -12.44
CA PRO B 228 -5.79 -11.23 -13.48
C PRO B 228 -6.76 -12.22 -12.87
N LYS B 229 -7.75 -12.61 -13.67
CA LYS B 229 -8.72 -13.58 -13.19
C LYS B 229 -8.05 -14.94 -13.12
N PRO B 230 -8.12 -15.65 -11.99
CA PRO B 230 -7.45 -16.94 -11.90
C PRO B 230 -8.09 -17.98 -12.81
N ARG B 231 -7.25 -18.83 -13.39
CA ARG B 231 -7.74 -19.94 -14.20
C ARG B 231 -8.49 -20.95 -13.33
N ALA B 232 -8.01 -21.18 -12.11
CA ALA B 232 -8.61 -22.20 -11.25
C ALA B 232 -8.89 -21.61 -9.88
N VAL B 233 -10.12 -21.78 -9.41
CA VAL B 233 -10.54 -21.39 -8.07
C VAL B 233 -11.09 -22.63 -7.40
N ASN B 234 -10.59 -22.93 -6.21
CA ASN B 234 -11.11 -24.01 -5.38
C ASN B 234 -11.56 -23.45 -4.05
N VAL B 235 -12.61 -24.06 -3.48
CA VAL B 235 -12.99 -23.75 -2.10
C VAL B 235 -13.10 -25.05 -1.34
N ALA B 236 -12.55 -25.08 -0.14
CA ALA B 236 -12.73 -26.17 0.81
C ALA B 236 -13.40 -25.61 2.05
N PHE B 237 -14.37 -26.35 2.56
CA PHE B 237 -15.11 -25.97 3.75
C PHE B 237 -15.00 -27.10 4.77
N LEU B 238 -14.46 -26.79 5.95
CA LEU B 238 -13.94 -27.80 6.85
C LEU B 238 -14.46 -27.58 8.26
N GLY B 239 -14.75 -28.68 8.95
CA GLY B 239 -15.09 -28.64 10.36
C GLY B 239 -13.85 -29.01 11.16
N CYS B 240 -13.56 -28.22 12.20
CA CYS B 240 -12.45 -28.43 13.11
C CYS B 240 -12.96 -28.66 14.54
N PRO B 241 -12.33 -29.57 15.29
CA PRO B 241 -12.85 -29.92 16.61
C PRO B 241 -12.50 -28.93 17.72
N GLY B 242 -11.69 -27.92 17.45
CA GLY B 242 -11.40 -26.89 18.45
C GLY B 242 -10.61 -25.78 17.80
N PHE B 243 -10.47 -24.67 18.54
CA PHE B 243 -9.76 -23.51 18.00
C PHE B 243 -8.28 -23.78 17.80
N ALA B 244 -7.67 -24.61 18.64
CA ALA B 244 -6.28 -24.99 18.42
C ALA B 244 -6.10 -25.65 17.06
N GLU B 245 -7.03 -26.53 16.68
CA GLU B 245 -6.94 -27.17 15.38
C GLU B 245 -7.20 -26.18 14.25
N VAL B 246 -8.06 -25.17 14.47
CA VAL B 246 -8.20 -24.09 13.49
C VAL B 246 -6.85 -23.42 13.22
N LEU B 247 -6.12 -23.08 14.30
CA LEU B 247 -4.82 -22.42 14.15
C LEU B 247 -3.80 -23.32 13.43
N GLN B 248 -3.75 -24.61 13.78
CA GLN B 248 -2.88 -25.52 13.04
C GLN B 248 -3.35 -25.77 11.62
N THR B 249 -4.65 -25.74 11.38
CA THR B 249 -5.11 -25.83 10.00
C THR B 249 -4.61 -24.64 9.20
N PHE B 250 -4.62 -23.44 9.79
CA PHE B 250 -4.05 -22.27 9.13
C PHE B 250 -2.56 -22.41 8.87
N SER B 251 -1.78 -22.71 9.91
CA SER B 251 -0.34 -22.96 9.74
C SER B 251 -0.04 -24.00 8.66
N THR B 252 -0.71 -25.15 8.73
CA THR B 252 -0.53 -26.20 7.74
C THR B 252 -0.94 -25.73 6.35
N CYS B 253 -2.02 -24.97 6.29
CA CYS B 253 -2.52 -24.45 5.03
C CYS B 253 -1.48 -23.56 4.34
N LYS B 254 -0.87 -22.63 5.08
CA LYS B 254 0.22 -21.83 4.49
C LYS B 254 1.39 -22.70 4.05
N GLY B 255 1.74 -23.71 4.83
CA GLY B 255 2.86 -24.57 4.49
C GLY B 255 2.64 -25.44 3.26
N MET B 256 1.40 -25.86 3.02
CA MET B 256 1.15 -26.81 1.93
C MET B 256 0.49 -26.21 0.70
N LEU B 257 -0.29 -25.13 0.85
CA LEU B 257 -0.89 -24.43 -0.27
C LEU B 257 -0.05 -23.25 -0.72
N GLY B 258 0.57 -22.56 0.23
CA GLY B 258 1.50 -21.48 -0.10
C GLY B 258 0.85 -20.37 -0.93
N GLU B 259 1.52 -20.03 -2.05
CA GLU B 259 1.16 -18.88 -2.87
C GLU B 259 -0.24 -18.96 -3.50
N ILE B 260 -0.86 -20.15 -3.60
CA ILE B 260 -2.20 -20.22 -4.17
C ILE B 260 -3.30 -19.90 -3.16
N LEU B 261 -3.00 -19.81 -1.87
CA LEU B 261 -4.02 -19.43 -0.91
C LEU B 261 -4.56 -18.05 -1.22
N SER B 262 -5.88 -17.94 -1.36
CA SER B 262 -6.51 -16.65 -1.60
C SER B 262 -7.50 -16.22 -0.53
N ALA B 263 -7.93 -17.11 0.35
CA ALA B 263 -8.75 -16.71 1.50
C ALA B 263 -8.64 -17.77 2.58
N PHE B 264 -8.70 -17.31 3.83
CA PHE B 264 -8.83 -18.16 5.01
C PHE B 264 -9.79 -17.51 5.99
N GLU B 265 -10.97 -18.10 6.16
CA GLU B 265 -12.00 -17.54 7.01
C GLU B 265 -12.40 -18.60 8.03
N PHE B 266 -12.69 -18.17 9.25
CA PHE B 266 -13.29 -19.08 10.23
C PHE B 266 -14.63 -18.53 10.71
N MET B 267 -15.43 -19.44 11.27
CA MET B 267 -16.70 -19.11 11.93
C MET B 267 -16.97 -20.19 12.96
N ASP B 268 -17.75 -19.85 13.99
CA ASP B 268 -18.04 -20.81 15.03
C ASP B 268 -19.41 -21.47 14.80
N ALA B 269 -19.72 -22.45 15.66
CA ALA B 269 -20.97 -23.19 15.57
C ALA B 269 -22.20 -22.30 15.60
N VAL B 270 -22.20 -21.29 16.46
CA VAL B 270 -23.36 -20.40 16.55
C VAL B 270 -23.59 -19.67 15.25
N CYS B 271 -22.52 -19.17 14.60
CA CYS B 271 -22.66 -18.61 13.27
C CYS B 271 -23.36 -19.57 12.31
N MET B 272 -22.92 -20.82 12.28
CA MET B 272 -23.53 -21.79 11.39
C MET B 272 -25.02 -21.96 11.71
N GLN B 273 -25.36 -22.01 13.00
CA GLN B 273 -26.76 -22.18 13.39
C GLN B 273 -27.61 -20.99 12.95
N LEU B 274 -27.09 -19.77 13.10
CA LEU B 274 -27.87 -18.59 12.73
C LEU B 274 -28.07 -18.48 11.23
N VAL B 275 -27.03 -18.74 10.44
CA VAL B 275 -27.19 -18.74 8.98
C VAL B 275 -28.20 -19.81 8.57
N GLY B 276 -28.15 -20.98 9.21
CA GLY B 276 -29.18 -21.98 8.97
C GLY B 276 -30.57 -21.57 9.42
N ARG B 277 -30.68 -20.94 10.59
CA ARG B 277 -32.01 -20.64 11.14
C ARG B 277 -32.70 -19.48 10.43
N HIS B 278 -31.95 -18.43 10.06
CA HIS B 278 -32.57 -17.25 9.46
C HIS B 278 -32.53 -17.25 7.94
N LEU B 279 -31.48 -17.82 7.35
CA LEU B 279 -31.32 -17.86 5.90
C LEU B 279 -31.52 -19.25 5.31
N HIS B 280 -31.80 -20.26 6.14
CA HIS B 280 -32.13 -21.62 5.68
C HIS B 280 -31.03 -22.25 4.83
N LEU B 281 -29.78 -21.99 5.18
CA LEU B 281 -28.64 -22.55 4.47
C LEU B 281 -28.11 -23.74 5.26
N ALA B 282 -28.29 -24.94 4.72
CA ALA B 282 -27.84 -26.16 5.39
C ALA B 282 -26.32 -26.29 5.41
N SER B 283 -25.79 -26.85 6.49
CA SER B 283 -24.34 -27.03 6.58
C SER B 283 -23.93 -28.26 5.77
N PRO B 284 -22.90 -28.16 4.92
CA PRO B 284 -22.47 -29.31 4.12
C PRO B 284 -21.46 -30.22 4.81
N VAL B 285 -21.11 -29.96 6.07
CA VAL B 285 -20.18 -30.79 6.82
C VAL B 285 -20.81 -31.15 8.15
N GLN B 286 -20.21 -32.14 8.81
CA GLN B 286 -20.68 -32.53 10.14
C GLN B 286 -20.61 -31.36 11.09
N GLU B 287 -21.51 -31.40 12.08
CA GLU B 287 -21.57 -30.36 13.09
C GLU B 287 -20.25 -30.33 13.85
N SER B 288 -19.69 -29.14 13.99
CA SER B 288 -18.38 -28.94 14.57
C SER B 288 -18.44 -27.64 15.36
N PRO B 289 -17.55 -27.46 16.34
CA PRO B 289 -17.57 -26.18 17.06
C PRO B 289 -16.94 -25.05 16.29
N PHE B 290 -16.14 -25.34 15.26
CA PHE B 290 -15.56 -24.31 14.41
C PHE B 290 -15.61 -24.78 12.97
N TYR B 291 -15.69 -23.82 12.06
CA TYR B 291 -15.63 -24.10 10.63
C TYR B 291 -14.60 -23.18 9.99
N VAL B 292 -14.05 -23.66 8.88
CA VAL B 292 -13.01 -22.95 8.17
C VAL B 292 -13.33 -23.00 6.69
N LEU B 293 -13.31 -21.84 6.04
CA LEU B 293 -13.42 -21.74 4.58
C LEU B 293 -12.07 -21.35 4.02
N ILE B 294 -11.57 -22.14 3.08
CA ILE B 294 -10.29 -21.89 2.42
C ILE B 294 -10.58 -21.73 0.93
N GLU B 295 -10.02 -20.69 0.33
CA GLU B 295 -10.06 -20.54 -1.12
C GLU B 295 -8.63 -20.57 -1.66
N THR B 296 -8.47 -21.20 -2.82
CA THR B 296 -7.23 -21.10 -3.57
C THR B 296 -7.50 -20.57 -4.97
N SER B 297 -6.49 -19.87 -5.51
CA SER B 297 -6.56 -19.20 -6.81
C SER B 297 -5.24 -19.44 -7.54
N GLY B 298 -5.29 -20.06 -8.72
CA GLY B 298 -4.04 -20.30 -9.42
C GLY B 298 -4.23 -20.49 -10.91
N SER B 299 -3.08 -20.60 -11.59
CA SER B 299 -3.00 -20.68 -13.04
C SER B 299 -3.18 -22.11 -13.55
N ASN B 300 -2.84 -23.12 -12.75
CA ASN B 300 -2.86 -24.50 -13.22
C ASN B 300 -3.78 -25.32 -12.32
N ALA B 301 -4.92 -25.72 -12.91
CA ALA B 301 -5.93 -26.50 -12.20
C ALA B 301 -5.33 -27.78 -11.61
N GLY B 302 -4.64 -28.57 -12.45
CA GLY B 302 -3.98 -29.78 -11.98
C GLY B 302 -3.07 -29.60 -10.79
N HIS B 303 -2.21 -28.58 -10.82
CA HIS B 303 -1.31 -28.35 -9.69
C HIS B 303 -2.06 -27.93 -8.43
N ASP B 304 -3.02 -27.04 -8.58
CA ASP B 304 -3.80 -26.61 -7.41
C ASP B 304 -4.56 -27.77 -6.78
N ALA B 305 -5.12 -28.66 -7.60
CA ALA B 305 -5.80 -29.84 -7.08
C ALA B 305 -4.84 -30.75 -6.31
N GLU B 306 -3.64 -30.98 -6.85
CA GLU B 306 -2.65 -31.77 -6.11
C GLU B 306 -2.27 -31.14 -4.78
N LYS B 307 -1.97 -29.84 -4.78
CA LYS B 307 -1.68 -29.16 -3.51
C LYS B 307 -2.83 -29.31 -2.51
N LEU B 308 -4.06 -29.05 -2.96
CA LEU B 308 -5.22 -29.16 -2.08
C LEU B 308 -5.45 -30.60 -1.62
N GLY B 309 -5.35 -31.58 -2.52
CA GLY B 309 -5.52 -32.97 -2.14
C GLY B 309 -4.58 -33.43 -1.03
N HIS B 310 -3.30 -33.09 -1.15
CA HIS B 310 -2.32 -33.44 -0.12
C HIS B 310 -2.61 -32.70 1.17
N PHE B 311 -2.98 -31.42 1.07
CA PHE B 311 -3.33 -30.64 2.26
C PHE B 311 -4.47 -31.29 3.04
N LEU B 312 -5.55 -31.68 2.35
CA LEU B 312 -6.69 -32.26 3.04
C LEU B 312 -6.35 -33.60 3.69
N GLU B 313 -5.73 -34.49 2.91
CA GLU B 313 -5.17 -35.74 3.42
C GLU B 313 -4.40 -35.53 4.72
N HIS B 314 -3.45 -34.61 4.73
CA HIS B 314 -2.66 -34.41 5.95
C HIS B 314 -3.50 -33.82 7.08
N ALA B 315 -4.37 -32.85 6.76
CA ALA B 315 -5.25 -32.27 7.79
C ALA B 315 -6.18 -33.32 8.38
N LEU B 316 -6.85 -34.11 7.52
CA LEU B 316 -7.69 -35.20 7.99
C LEU B 316 -6.88 -36.28 8.70
N GLY B 317 -5.69 -36.57 8.20
CA GLY B 317 -4.86 -37.60 8.80
C GLY B 317 -4.48 -37.31 10.24
N SER B 318 -4.00 -36.09 10.50
CA SER B 318 -3.55 -35.68 11.83
C SER B 318 -4.66 -35.12 12.73
N GLY B 319 -5.92 -35.26 12.34
CA GLY B 319 -7.03 -34.84 13.19
C GLY B 319 -7.29 -33.36 13.33
N LEU B 320 -6.70 -32.53 12.47
CA LEU B 320 -6.99 -31.10 12.50
C LEU B 320 -8.39 -30.80 12.00
N VAL B 321 -8.88 -31.61 11.07
CA VAL B 321 -10.18 -31.48 10.44
C VAL B 321 -10.96 -32.75 10.70
N THR B 322 -12.21 -32.61 11.14
CA THR B 322 -13.03 -33.78 11.38
C THR B 322 -13.88 -34.16 10.17
N ASP B 323 -14.39 -33.16 9.44
CA ASP B 323 -15.12 -33.37 8.21
C ASP B 323 -14.86 -32.20 7.27
N GLY B 324 -14.90 -32.47 5.97
CA GLY B 324 -14.59 -31.45 4.98
C GLY B 324 -15.23 -31.75 3.65
N THR B 325 -15.47 -30.69 2.87
CA THR B 325 -15.99 -30.79 1.52
C THR B 325 -15.25 -29.78 0.64
N MET B 326 -15.15 -30.08 -0.65
CA MET B 326 -14.42 -29.27 -1.63
C MET B 326 -15.28 -29.03 -2.86
N ALA B 327 -15.09 -27.87 -3.50
CA ALA B 327 -15.84 -27.58 -4.71
C ALA B 327 -15.00 -26.76 -5.69
N THR B 328 -15.20 -27.04 -6.98
CA THR B 328 -14.75 -26.15 -8.05
C THR B 328 -15.87 -25.58 -8.91
N ASP B 329 -17.02 -26.24 -8.98
CA ASP B 329 -18.14 -25.72 -9.75
C ASP B 329 -18.58 -24.37 -9.18
N GLN B 330 -18.65 -23.36 -10.05
CA GLN B 330 -18.98 -21.99 -9.64
C GLN B 330 -20.20 -21.93 -8.73
N ARG B 331 -21.26 -22.65 -9.09
CA ARG B 331 -22.46 -22.70 -8.23
C ARG B 331 -22.14 -23.23 -6.82
N LYS B 332 -21.42 -24.33 -6.73
CA LYS B 332 -21.14 -24.88 -5.40
C LYS B 332 -20.18 -23.99 -4.63
N VAL B 333 -19.19 -23.41 -5.32
CA VAL B 333 -18.27 -22.44 -4.71
C VAL B 333 -19.03 -21.28 -4.09
N LYS B 334 -19.97 -20.69 -4.84
CA LYS B 334 -20.76 -19.59 -4.30
C LYS B 334 -21.61 -20.02 -3.09
N MET B 335 -22.21 -21.22 -3.14
CA MET B 335 -22.94 -21.73 -1.99
C MET B 335 -22.06 -21.81 -0.74
N LEU B 336 -20.85 -22.34 -0.86
CA LEU B 336 -19.97 -22.42 0.30
C LEU B 336 -19.61 -21.04 0.84
N TRP B 337 -19.24 -20.11 -0.05
CA TRP B 337 -18.96 -18.72 0.34
C TRP B 337 -20.14 -18.04 1.03
N ALA B 338 -21.38 -18.35 0.61
CA ALA B 338 -22.55 -17.74 1.26
C ALA B 338 -22.59 -18.01 2.75
N LEU B 339 -22.11 -19.19 3.18
CA LEU B 339 -22.15 -19.54 4.60
C LEU B 339 -21.36 -18.56 5.45
N ARG B 340 -20.25 -18.05 4.91
CA ARG B 340 -19.48 -17.03 5.60
C ARG B 340 -19.98 -15.61 5.32
N GLU B 341 -20.25 -15.30 4.05
CA GLU B 341 -20.61 -13.94 3.65
C GLU B 341 -21.91 -13.46 4.29
N ARG B 342 -22.88 -14.35 4.50
CA ARG B 342 -24.20 -13.95 4.96
C ARG B 342 -24.35 -13.98 6.47
N ILE B 343 -23.25 -14.18 7.20
CA ILE B 343 -23.29 -14.19 8.66
C ILE B 343 -23.79 -12.85 9.17
N THR B 344 -23.28 -11.76 8.60
CA THR B 344 -23.62 -10.43 9.10
C THR B 344 -25.12 -10.16 8.98
N GLU B 345 -25.72 -10.60 7.86
CA GLU B 345 -27.17 -10.50 7.68
C GLU B 345 -27.93 -11.35 8.70
N ALA B 346 -27.51 -12.60 8.90
CA ALA B 346 -28.20 -13.47 9.86
C ALA B 346 -28.17 -12.87 11.26
N LEU B 347 -27.06 -12.24 11.64
CA LEU B 347 -26.99 -11.59 12.95
C LEU B 347 -28.04 -10.49 13.09
N SER B 348 -28.17 -9.62 12.08
CA SER B 348 -29.13 -8.53 12.21
C SER B 348 -30.58 -8.99 12.17
N ARG B 349 -30.86 -10.15 11.58
CA ARG B 349 -32.18 -10.76 11.71
C ARG B 349 -32.42 -11.38 13.09
N ASP B 350 -31.36 -11.69 13.84
CA ASP B 350 -31.51 -12.33 15.14
C ASP B 350 -31.89 -11.37 16.25
N GLY B 351 -31.61 -10.08 16.11
CA GLY B 351 -31.99 -9.13 17.14
C GLY B 351 -31.16 -7.86 17.05
N TYR B 352 -31.07 -7.17 18.19
CA TYR B 352 -30.16 -6.04 18.31
C TYR B 352 -28.74 -6.58 18.36
N VAL B 353 -27.83 -5.94 17.62
CA VAL B 353 -26.48 -6.43 17.46
C VAL B 353 -25.50 -5.46 18.11
N TYR B 354 -24.70 -5.97 19.03
CA TYR B 354 -23.52 -5.27 19.55
C TYR B 354 -22.33 -5.81 18.77
N LYS B 355 -21.62 -4.93 18.07
CA LYS B 355 -20.63 -5.32 17.08
C LYS B 355 -19.25 -4.78 17.47
N TYR B 356 -18.25 -5.64 17.42
CA TYR B 356 -16.87 -5.29 17.70
C TYR B 356 -16.00 -5.91 16.62
N ASP B 357 -15.05 -5.12 16.12
CA ASP B 357 -14.21 -5.49 14.97
C ASP B 357 -12.76 -5.31 15.38
N LEU B 358 -12.09 -6.41 15.77
CA LEU B 358 -10.83 -6.36 16.52
C LEU B 358 -9.68 -7.07 15.80
N SER B 359 -8.49 -6.46 15.87
CA SER B 359 -7.25 -7.15 15.53
C SER B 359 -6.63 -7.62 16.83
N LEU B 360 -6.33 -8.92 16.93
CA LEU B 360 -5.74 -9.52 18.11
C LEU B 360 -4.67 -10.53 17.72
N PRO B 361 -3.80 -10.90 18.66
CA PRO B 361 -2.89 -12.05 18.43
C PRO B 361 -3.67 -13.30 18.03
N VAL B 362 -3.29 -13.88 16.88
CA VAL B 362 -4.07 -14.97 16.32
C VAL B 362 -4.24 -16.11 17.33
N GLU B 363 -3.19 -16.39 18.10
CA GLU B 363 -3.23 -17.40 19.17
C GLU B 363 -4.30 -17.12 20.22
N ARG B 364 -4.75 -15.86 20.38
CA ARG B 364 -5.75 -15.58 21.40
C ARG B 364 -7.02 -14.98 20.81
N LEU B 365 -7.25 -15.21 19.51
CA LEU B 365 -8.32 -14.52 18.79
C LEU B 365 -9.71 -14.85 19.32
N TYR B 366 -9.95 -16.09 19.74
CA TYR B 366 -11.29 -16.51 20.13
C TYR B 366 -11.54 -16.40 21.63
N ASP B 367 -10.51 -16.16 22.43
CA ASP B 367 -10.62 -16.09 23.89
C ASP B 367 -11.77 -15.19 24.34
N ILE B 368 -11.85 -13.96 23.81
CA ILE B 368 -12.87 -13.00 24.22
C ILE B 368 -14.28 -13.56 24.02
N VAL B 369 -14.49 -14.40 23.00
CA VAL B 369 -15.82 -14.95 22.73
C VAL B 369 -16.21 -15.92 23.83
N THR B 370 -15.32 -16.85 24.16
CA THR B 370 -15.56 -17.76 25.29
C THR B 370 -15.85 -16.97 26.56
N ASP B 371 -15.00 -15.98 26.86
CA ASP B 371 -15.18 -15.13 28.03
C ASP B 371 -16.56 -14.48 28.06
N LEU B 372 -16.95 -13.82 26.96
CA LEU B 372 -18.21 -13.07 26.95
C LEU B 372 -19.44 -13.97 27.07
N ARG B 373 -19.41 -15.16 26.48
CA ARG B 373 -20.48 -16.13 26.72
C ARG B 373 -20.69 -16.42 28.20
N ALA B 374 -19.62 -16.41 28.98
CA ALA B 374 -19.75 -16.63 30.41
C ALA B 374 -20.18 -15.36 31.15
N ARG B 375 -19.55 -14.25 30.79
CA ARG B 375 -19.79 -12.96 31.45
C ARG B 375 -21.24 -12.43 31.31
N LEU B 376 -21.80 -12.44 30.09
CA LEU B 376 -23.22 -12.08 29.84
C LEU B 376 -24.30 -13.13 30.12
N GLY B 377 -23.99 -14.41 30.06
CA GLY B 377 -24.94 -15.48 30.28
C GLY B 377 -26.22 -15.54 29.43
N PRO B 378 -27.40 -15.67 30.04
CA PRO B 378 -28.67 -15.52 29.30
C PRO B 378 -29.11 -14.12 28.90
N HIS B 379 -28.40 -13.07 29.28
CA HIS B 379 -28.73 -11.74 28.78
C HIS B 379 -28.43 -11.59 27.29
N ALA B 380 -27.38 -12.23 26.81
CA ALA B 380 -27.12 -12.37 25.39
C ALA B 380 -27.95 -13.50 24.76
N LYS B 381 -28.71 -13.16 23.73
CA LYS B 381 -29.40 -14.18 22.94
C LYS B 381 -28.37 -15.09 22.24
N HIS B 382 -27.37 -14.49 21.57
CA HIS B 382 -26.22 -15.24 21.11
C HIS B 382 -24.95 -14.39 21.18
N VAL B 383 -23.81 -15.06 21.29
CA VAL B 383 -22.50 -14.44 21.15
C VAL B 383 -21.76 -15.22 20.07
N VAL B 384 -21.15 -14.51 19.12
CA VAL B 384 -20.40 -15.16 18.05
C VAL B 384 -19.03 -14.52 17.86
N GLY B 385 -18.14 -15.33 17.29
CA GLY B 385 -16.84 -14.92 16.79
C GLY B 385 -16.62 -15.49 15.39
N TYR B 386 -16.15 -14.67 14.45
CA TYR B 386 -15.81 -15.15 13.11
C TYR B 386 -14.83 -14.17 12.48
N GLY B 387 -14.32 -14.55 11.31
CA GLY B 387 -13.71 -13.59 10.42
C GLY B 387 -12.35 -13.94 9.86
N HIS B 388 -11.53 -12.90 9.64
CA HIS B 388 -10.34 -12.98 8.78
C HIS B 388 -9.18 -13.43 9.65
N LEU B 389 -9.17 -14.74 9.94
CA LEU B 389 -8.18 -15.27 10.86
C LEU B 389 -6.77 -15.13 10.28
N GLY B 390 -6.63 -15.33 8.97
CA GLY B 390 -5.33 -15.13 8.34
C GLY B 390 -4.74 -13.75 8.55
N ASP B 391 -5.58 -12.73 8.75
CA ASP B 391 -5.14 -11.36 8.97
C ASP B 391 -5.19 -10.95 10.45
N GLY B 392 -5.46 -11.89 11.36
CA GLY B 392 -5.56 -11.57 12.77
C GLY B 392 -6.80 -10.79 13.19
N ASN B 393 -7.89 -10.90 12.43
CA ASN B 393 -9.05 -10.03 12.56
C ASN B 393 -10.26 -10.84 13.03
N LEU B 394 -10.75 -10.51 14.24
CA LEU B 394 -11.96 -11.11 14.80
C LEU B 394 -13.14 -10.17 14.64
N HIS B 395 -14.26 -10.71 14.16
CA HIS B 395 -15.55 -10.04 14.25
C HIS B 395 -16.32 -10.63 15.44
N LEU B 396 -16.46 -9.86 16.50
CA LEU B 396 -17.17 -10.24 17.71
C LEU B 396 -18.57 -9.63 17.66
N ASN B 397 -19.59 -10.47 17.82
CA ASN B 397 -20.94 -9.93 17.85
C ASN B 397 -21.76 -10.54 18.97
N VAL B 398 -22.59 -9.72 19.59
CA VAL B 398 -23.55 -10.15 20.59
C VAL B 398 -24.93 -9.72 20.13
N THR B 399 -25.87 -10.66 20.12
CA THR B 399 -27.24 -10.35 19.76
C THR B 399 -28.11 -10.42 21.01
N ALA B 400 -29.20 -9.64 21.00
CA ALA B 400 -30.17 -9.66 22.09
C ALA B 400 -31.51 -9.23 21.53
N GLU B 401 -32.56 -9.55 22.28
CA GLU B 401 -33.90 -9.18 21.84
C GLU B 401 -34.05 -7.68 21.66
N ALA B 402 -33.38 -6.89 22.52
CA ALA B 402 -33.40 -5.44 22.40
C ALA B 402 -32.13 -4.88 23.02
N PHE B 403 -31.76 -3.67 22.59
CA PHE B 403 -30.69 -2.95 23.26
C PHE B 403 -30.99 -2.81 24.74
N SER B 404 -29.95 -2.95 25.56
CA SER B 404 -30.09 -2.64 26.96
C SER B 404 -28.86 -1.95 27.54
N PRO B 405 -29.06 -0.96 28.41
CA PRO B 405 -27.93 -0.32 29.08
C PRO B 405 -27.13 -1.28 29.94
N SER B 406 -27.78 -2.25 30.57
CA SER B 406 -27.09 -3.24 31.40
C SER B 406 -26.09 -4.05 30.59
N LEU B 407 -26.49 -4.53 29.40
CA LEU B 407 -25.56 -5.29 28.56
C LEU B 407 -24.41 -4.42 28.04
N LEU B 408 -24.72 -3.22 27.57
CA LEU B 408 -23.66 -2.32 27.15
C LEU B 408 -22.63 -2.08 28.25
N ALA B 409 -23.07 -1.93 29.50
CA ALA B 409 -22.09 -1.71 30.57
C ALA B 409 -21.21 -2.94 30.80
N ALA B 410 -21.73 -4.16 30.58
CA ALA B 410 -20.89 -5.35 30.64
C ALA B 410 -19.91 -5.41 29.46
N LEU B 411 -20.31 -4.94 28.28
CA LEU B 411 -19.45 -5.02 27.11
C LEU B 411 -18.35 -3.97 27.11
N GLU B 412 -18.65 -2.76 27.57
CA GLU B 412 -17.74 -1.63 27.45
C GLU B 412 -17.48 -1.02 28.82
N PRO B 413 -16.21 -0.70 29.15
CA PRO B 413 -15.02 -0.78 28.29
C PRO B 413 -14.30 -2.13 28.23
N HIS B 414 -14.90 -3.16 28.81
CA HIS B 414 -14.23 -4.46 28.97
C HIS B 414 -13.62 -4.97 27.66
N VAL B 415 -14.39 -4.95 26.56
CA VAL B 415 -13.89 -5.44 25.28
C VAL B 415 -12.71 -4.61 24.79
N TYR B 416 -12.79 -3.29 24.96
CA TYR B 416 -11.71 -2.41 24.53
C TYR B 416 -10.44 -2.53 25.39
N GLU B 417 -10.60 -2.82 26.67
CA GLU B 417 -9.44 -3.01 27.53
C GLU B 417 -8.73 -4.31 27.21
N TRP B 418 -9.49 -5.38 26.99
CA TRP B 418 -8.94 -6.64 26.52
C TRP B 418 -8.04 -6.40 25.30
N THR B 419 -8.55 -5.65 24.32
CA THR B 419 -7.81 -5.41 23.08
C THR B 419 -6.53 -4.61 23.31
N ALA B 420 -6.60 -3.55 24.12
CA ALA B 420 -5.40 -2.78 24.46
C ALA B 420 -4.39 -3.63 25.22
N GLY B 421 -4.88 -4.46 26.16
CA GLY B 421 -4.04 -5.43 26.83
C GLY B 421 -3.28 -6.36 25.89
N GLN B 422 -3.86 -6.63 24.72
CA GLN B 422 -3.21 -7.44 23.69
C GLN B 422 -2.47 -6.62 22.64
N GLN B 423 -2.31 -5.31 22.86
CA GLN B 423 -1.82 -4.37 21.86
C GLN B 423 -2.53 -4.50 20.52
N GLY B 424 -3.85 -4.67 20.57
CA GLY B 424 -4.66 -4.86 19.39
C GLY B 424 -5.28 -3.56 18.90
N SER B 425 -6.03 -3.67 17.80
CA SER B 425 -6.79 -2.56 17.23
C SER B 425 -8.26 -2.71 17.64
N VAL B 426 -8.82 -1.65 18.24
CA VAL B 426 -10.25 -1.59 18.50
C VAL B 426 -11.09 -1.32 17.25
N SER B 427 -10.46 -1.08 16.10
CA SER B 427 -11.26 -1.12 14.87
C SER B 427 -10.38 -1.60 13.71
N ALA B 428 -10.40 -2.91 13.51
CA ALA B 428 -9.54 -3.57 12.54
C ALA B 428 -9.84 -3.12 11.10
N GLU B 429 -11.13 -3.14 10.70
CA GLU B 429 -11.45 -2.84 9.31
C GLU B 429 -12.58 -1.84 9.08
N HIS B 430 -13.61 -1.88 9.91
CA HIS B 430 -14.80 -1.04 9.74
C HIS B 430 -14.50 0.44 9.86
N GLY B 431 -13.44 0.81 10.56
CA GLY B 431 -13.06 2.19 10.67
C GLY B 431 -13.66 2.79 11.91
N VAL B 432 -13.67 4.12 11.96
CA VAL B 432 -13.94 4.85 13.19
C VAL B 432 -15.35 5.43 13.15
N GLY B 433 -15.57 6.37 12.24
CA GLY B 433 -16.86 7.02 12.11
C GLY B 433 -17.32 7.71 13.38
N PHE B 434 -18.62 7.64 13.62
CA PHE B 434 -19.22 8.22 14.81
C PHE B 434 -19.01 7.34 16.04
N ARG B 435 -19.19 6.02 15.87
CA ARG B 435 -19.26 5.07 16.99
C ARG B 435 -17.96 4.93 17.76
N LYS B 436 -16.82 4.88 17.08
CA LYS B 436 -15.54 4.59 17.73
C LYS B 436 -14.63 5.81 17.86
N ARG B 437 -15.14 7.01 17.58
CA ARG B 437 -14.29 8.20 17.58
C ARG B 437 -13.62 8.46 18.94
N ASP B 438 -14.26 8.09 20.05
CA ASP B 438 -13.71 8.34 21.38
C ASP B 438 -13.04 7.14 22.03
N VAL B 439 -12.76 6.07 21.29
CA VAL B 439 -12.01 4.93 21.83
C VAL B 439 -10.70 4.70 21.09
N LEU B 440 -10.21 5.71 20.37
CA LEU B 440 -8.96 5.55 19.63
C LEU B 440 -7.74 5.49 20.55
N GLY B 441 -7.83 6.09 21.74
CA GLY B 441 -6.75 6.02 22.70
C GLY B 441 -6.30 4.61 23.08
N TYR B 442 -7.21 3.63 22.98
CA TYR B 442 -6.84 2.23 23.19
C TYR B 442 -5.89 1.67 22.13
N SER B 443 -5.78 2.32 20.96
CA SER B 443 -4.91 1.83 19.90
C SER B 443 -3.91 2.85 19.37
N LYS B 444 -4.08 4.14 19.68
CA LYS B 444 -3.21 5.17 19.11
C LYS B 444 -2.76 6.14 20.19
N PRO B 445 -1.48 6.52 20.18
CA PRO B 445 -0.97 7.43 21.22
C PRO B 445 -1.40 8.86 20.97
N PRO B 446 -1.35 9.71 22.00
CA PRO B 446 -1.81 11.10 21.86
C PRO B 446 -1.13 11.90 20.75
N GLY B 447 0.19 11.79 20.62
CA GLY B 447 0.90 12.57 19.60
C GLY B 447 0.46 12.26 18.19
N ALA B 448 0.19 10.98 17.89
CA ALA B 448 -0.35 10.63 16.58
C ALA B 448 -1.73 11.26 16.38
N LEU B 449 -2.60 11.17 17.39
CA LEU B 449 -3.93 11.76 17.30
C LEU B 449 -3.88 13.26 17.06
N GLN B 450 -2.89 13.95 17.64
CA GLN B 450 -2.78 15.39 17.40
C GLN B 450 -2.40 15.68 15.95
N LEU B 451 -1.43 14.95 15.39
CA LEU B 451 -1.07 15.19 13.99
C LEU B 451 -2.26 14.98 13.06
N MET B 452 -3.13 14.00 13.38
CA MET B 452 -4.35 13.82 12.62
C MET B 452 -5.26 15.05 12.71
N GLN B 453 -5.34 15.66 13.90
CA GLN B 453 -6.16 16.85 14.08
C GLN B 453 -5.63 18.01 13.24
N GLN B 454 -4.30 18.14 13.17
CA GLN B 454 -3.66 19.16 12.35
C GLN B 454 -3.89 18.90 10.87
N LEU B 455 -3.86 17.65 10.44
CA LEU B 455 -4.19 17.34 9.05
C LEU B 455 -5.60 17.79 8.71
N LYS B 456 -6.56 17.49 9.59
CA LYS B 456 -7.94 17.91 9.41
C LYS B 456 -8.07 19.43 9.32
N ALA B 457 -7.41 20.15 10.24
CA ALA B 457 -7.45 21.62 10.23
C ALA B 457 -6.86 22.21 8.96
N LEU B 458 -5.75 21.63 8.48
CA LEU B 458 -5.17 22.06 7.22
C LEU B 458 -6.12 21.83 6.05
N LEU B 459 -6.71 20.65 5.98
CA LEU B 459 -7.48 20.29 4.78
C LEU B 459 -8.94 20.74 4.84
N ASP B 460 -9.53 20.83 6.03
CA ASP B 460 -10.92 21.26 6.21
C ASP B 460 -11.01 22.15 7.44
N PRO B 461 -10.47 23.37 7.35
CA PRO B 461 -10.50 24.26 8.54
C PRO B 461 -11.89 24.64 9.02
N LYS B 462 -12.89 24.71 8.14
CA LYS B 462 -14.25 24.95 8.61
C LYS B 462 -14.94 23.71 9.15
N GLY B 463 -14.38 22.51 8.94
CA GLY B 463 -14.97 21.29 9.45
C GLY B 463 -16.32 20.94 8.87
N ILE B 464 -16.60 21.34 7.63
CA ILE B 464 -17.89 20.99 7.02
C ILE B 464 -17.96 19.53 6.56
N LEU B 465 -16.82 18.84 6.41
CA LEU B 465 -16.83 17.45 5.94
C LEU B 465 -16.91 16.44 7.09
N ASN B 466 -18.03 15.72 7.16
CA ASN B 466 -18.26 14.68 8.15
C ASN B 466 -17.87 15.10 9.58
N PRO B 467 -18.50 16.14 10.12
CA PRO B 467 -18.28 16.48 11.53
C PRO B 467 -18.73 15.34 12.43
N TYR B 468 -18.25 15.39 13.69
CA TYR B 468 -18.59 14.42 14.73
C TYR B 468 -18.03 13.04 14.49
N LYS B 469 -17.11 12.84 13.54
CA LYS B 469 -16.60 11.48 13.37
C LYS B 469 -15.10 11.43 13.13
N THR B 470 -14.62 10.19 13.03
CA THR B 470 -13.25 9.75 12.78
C THR B 470 -12.20 10.27 13.77
N LEU B 471 -12.18 11.56 14.08
CA LEU B 471 -11.23 11.93 15.14
C LEU B 471 -11.93 12.19 16.46
N PRO B 472 -11.19 12.17 17.58
CA PRO B 472 -11.81 12.41 18.89
C PRO B 472 -12.43 13.81 19.02
N SER B 473 -13.39 13.91 19.93
CA SER B 473 -14.13 15.15 20.19
C SER B 473 -13.23 16.27 20.71
PA FAD C . 20.29 7.49 0.95
O1A FAD C . 21.28 7.72 2.03
O2A FAD C . 20.79 7.51 -0.49
O5B FAD C . 19.13 8.55 1.11
C5B FAD C . 18.08 8.66 0.12
C4B FAD C . 17.10 9.73 0.51
O4B FAD C . 16.33 9.34 1.67
C3B FAD C . 17.70 11.09 0.85
O3B FAD C . 16.83 12.12 0.40
C2B FAD C . 17.85 11.02 2.38
O2B FAD C . 17.79 12.32 2.96
C1B FAD C . 16.62 10.19 2.76
N9A FAD C . 16.77 9.36 3.95
C8A FAD C . 17.69 8.36 4.15
N7A FAD C . 17.57 7.74 5.30
C5A FAD C . 16.48 8.37 5.90
C6A FAD C . 15.83 8.20 7.14
N6A FAD C . 16.20 7.28 8.05
N1A FAD C . 14.78 9.00 7.42
C2A FAD C . 14.41 9.90 6.52
N3A FAD C . 14.94 10.17 5.32
C4A FAD C . 15.98 9.37 5.07
N1 FAD C . 16.17 2.28 -6.13
C2 FAD C . 15.00 1.64 -6.42
O2 FAD C . 13.91 2.14 -6.12
N3 FAD C . 15.03 0.45 -7.10
C4 FAD C . 16.14 -0.23 -7.51
O4 FAD C . 16.03 -1.31 -8.11
C4X FAD C . 17.39 0.42 -7.19
N5 FAD C . 18.50 -0.15 -7.55
C5X FAD C . 19.69 0.48 -7.24
C6 FAD C . 20.87 -0.15 -7.63
C7 FAD C . 22.11 0.43 -7.35
C7M FAD C . 23.37 -0.27 -7.78
C8 FAD C . 22.16 1.66 -6.67
C8M FAD C . 23.48 2.31 -6.36
C9 FAD C . 20.98 2.28 -6.28
C9A FAD C . 19.74 1.71 -6.56
N10 FAD C . 18.52 2.30 -6.17
C10 FAD C . 17.30 1.69 -6.48
C1' FAD C . 18.49 3.61 -5.44
C2' FAD C . 17.64 3.59 -4.16
O2' FAD C . 16.84 4.76 -3.96
C3' FAD C . 18.54 3.42 -2.94
O3' FAD C . 19.57 2.53 -3.37
C4' FAD C . 17.69 2.84 -1.80
O4' FAD C . 16.35 3.31 -1.90
C5' FAD C . 18.16 3.08 -0.38
O5' FAD C . 18.84 4.33 -0.28
P FAD C . 19.88 4.61 0.88
O1P FAD C . 19.67 3.84 2.19
O2P FAD C . 21.23 4.51 0.29
O3P FAD C . 19.52 6.13 1.20
PA FAD D . -20.68 4.20 3.23
O1A FAD D . -21.26 3.34 4.30
O2A FAD D . -21.68 4.89 2.34
O5B FAD D . -19.72 5.27 3.84
C5B FAD D . -18.52 4.88 4.54
C4B FAD D . -17.78 6.08 5.11
O4B FAD D . -16.96 6.69 4.09
C3B FAD D . -18.64 7.20 5.66
O3B FAD D . -17.89 7.85 6.69
C2B FAD D . -18.84 8.09 4.44
O2B FAD D . -19.08 9.45 4.79
C1B FAD D . -17.49 7.96 3.73
N9A FAD D . -17.54 8.00 2.28
C8A FAD D . -18.34 7.25 1.47
N7A FAD D . -18.16 7.45 0.19
C5A FAD D . -17.14 8.40 0.15
C6A FAD D . -16.48 9.04 -0.92
N6A FAD D . -16.75 8.81 -2.21
N1A FAD D . -15.53 9.94 -0.61
C2A FAD D . -15.25 10.17 0.67
N3A FAD D . -15.81 9.63 1.76
C4A FAD D . -16.75 8.74 1.43
N1 FAD D . -16.00 -3.82 5.70
C2 FAD D . -14.76 -4.36 5.57
O2 FAD D . -13.74 -3.68 5.71
N3 FAD D . -14.62 -5.70 5.29
C4 FAD D . -15.66 -6.59 5.10
O4 FAD D . -15.41 -7.77 4.86
C4X FAD D . -16.98 -6.01 5.22
N5 FAD D . -18.00 -6.78 5.05
C5X FAD D . -19.25 -6.23 5.16
C6 FAD D . -20.35 -7.08 4.98
C7 FAD D . -21.64 -6.59 5.07
C7M FAD D . -22.80 -7.53 4.86
C8 FAD D . -21.85 -5.22 5.36
C8M FAD D . -23.25 -4.67 5.47
C9 FAD D . -20.75 -4.39 5.55
C9A FAD D . -19.46 -4.88 5.45
N10 FAD D . -18.31 -4.06 5.63
C10 FAD D . -17.05 -4.60 5.51
C1' FAD D . -18.43 -2.60 5.90
C2' FAD D . -17.68 -1.73 4.88
O2' FAD D . -17.08 -0.55 5.42
C3' FAD D . -18.63 -1.34 3.76
O3' FAD D . -19.23 -2.52 3.24
C4' FAD D . -17.95 -0.51 2.67
O4' FAD D . -16.54 -0.44 2.78
C5' FAD D . -18.44 0.91 2.72
O5' FAD D . -18.92 1.27 1.42
P FAD D . -20.15 2.20 1.27
O1P FAD D . -20.16 2.74 -0.16
O2P FAD D . -21.35 1.45 1.80
O3P FAD D . -19.73 3.35 2.29
#